data_4TXN
#
_entry.id   4TXN
#
_cell.length_a   95.643
_cell.length_b   107.488
_cell.length_c   115.576
_cell.angle_alpha   90.000
_cell.angle_beta   90.000
_cell.angle_gamma   90.000
#
_symmetry.space_group_name_H-M   'P 21 21 21'
#
loop_
_entity.id
_entity.type
_entity.pdbx_description
1 polymer 'Uridine phosphorylase'
2 non-polymer 'SULFATE ION'
3 non-polymer 5-FLUOROURACIL
4 water water
#
_entity_poly.entity_id   1
_entity_poly.type   'polypeptide(L)'
_entity_poly.pdbx_seq_one_letter_code
;MATVQPIVNSHLSELDEDVFHHFGFTTKSFDFKEKFGDVKFVCVCGSSGRIHNFAISMAKLAGLALPVENIAGSHARFVL
YKVDHILFADHGMGIPSALIMLHEVTKLLHYAGCKDVLFIRLGTSGGLGVKPGTIVLSDRCVNTKLEPYNELCILGKPVR
RQTIVDLNTVNELKKLSENLSLECSVVVGGTIAANDFYEEQGRLDGSICTFSKEEKLAFLQSAYEHGIRNMEMEGTAITS
HCYLTGHRAILVCVTAVNRLEGDQITISTDEFTLFAQRPGQLVGEYLKRNNGIIVR
;
_entity_poly.pdbx_strand_id   A,B,C,D
#
# COMPACT_ATOMS: atom_id res chain seq x y z
N VAL A 8 -16.52 -20.62 29.64
CA VAL A 8 -16.44 -19.73 28.48
C VAL A 8 -16.94 -18.34 28.85
N ASN A 9 -16.44 -17.33 28.14
CA ASN A 9 -16.88 -15.96 28.37
C ASN A 9 -18.21 -15.67 27.65
N SER A 10 -19.31 -15.85 28.38
CA SER A 10 -20.65 -15.68 27.82
C SER A 10 -20.91 -14.27 27.30
N HIS A 11 -20.13 -13.29 27.78
CA HIS A 11 -20.31 -11.90 27.36
C HIS A 11 -19.98 -11.70 25.89
N LEU A 12 -19.17 -12.59 25.33
CA LEU A 12 -18.81 -12.47 23.91
C LEU A 12 -20.02 -12.64 23.00
N SER A 13 -21.04 -13.36 23.47
CA SER A 13 -22.27 -13.53 22.71
C SER A 13 -23.07 -12.23 22.58
N GLU A 14 -22.79 -11.26 23.45
CA GLU A 14 -23.49 -9.97 23.43
C GLU A 14 -23.05 -9.10 22.24
N LEU A 15 -21.89 -9.41 21.68
CA LEU A 15 -21.33 -8.67 20.56
C LEU A 15 -21.97 -9.07 19.23
N ASP A 16 -22.18 -8.10 18.35
CA ASP A 16 -22.54 -8.42 16.97
C ASP A 16 -21.27 -8.74 16.22
N GLU A 17 -20.21 -8.04 16.62
CA GLU A 17 -18.93 -8.13 15.97
C GLU A 17 -17.86 -7.97 17.02
N ASP A 18 -16.78 -8.73 16.92
CA ASP A 18 -15.68 -8.58 17.86
C ASP A 18 -14.50 -7.91 17.17
N VAL A 19 -14.13 -6.75 17.68
CA VAL A 19 -13.00 -5.99 17.15
C VAL A 19 -11.72 -6.38 17.89
N PHE A 20 -10.82 -7.04 17.16
CA PHE A 20 -9.49 -7.35 17.66
C PHE A 20 -8.62 -6.12 17.50
N HIS A 21 -8.72 -5.22 18.48
CA HIS A 21 -8.11 -3.89 18.39
C HIS A 21 -6.63 -3.93 18.02
N HIS A 22 -5.89 -4.85 18.63
CA HIS A 22 -4.45 -4.84 18.47
C HIS A 22 -3.96 -5.65 17.28
N PHE A 23 -4.85 -6.39 16.63
CA PHE A 23 -4.49 -7.07 15.39
C PHE A 23 -5.12 -6.40 14.18
N GLY A 24 -5.97 -5.40 14.42
CA GLY A 24 -6.52 -4.58 13.34
C GLY A 24 -7.48 -5.29 12.39
N PHE A 25 -8.23 -6.26 12.91
CA PHE A 25 -9.32 -6.83 12.14
C PHE A 25 -10.48 -7.23 13.06
N THR A 26 -11.59 -7.66 12.47
CA THR A 26 -12.76 -8.05 13.24
C THR A 26 -13.29 -9.41 12.81
N THR A 27 -14.32 -9.89 13.50
CA THR A 27 -14.95 -11.16 13.13
C THR A 27 -15.67 -11.08 11.79
N LYS A 28 -15.87 -9.86 11.29
CA LYS A 28 -16.47 -9.69 9.96
C LYS A 28 -15.41 -9.54 8.87
N SER A 29 -14.14 -9.58 9.26
CA SER A 29 -13.06 -9.41 8.28
C SER A 29 -12.88 -10.69 7.43
N PHE A 30 -13.02 -11.85 8.06
CA PHE A 30 -12.99 -13.12 7.34
C PHE A 30 -13.87 -14.16 8.01
N ASP A 31 -14.00 -15.32 7.38
CA ASP A 31 -14.66 -16.44 8.03
C ASP A 31 -13.64 -17.16 8.89
N PHE A 32 -13.77 -17.01 10.21
CA PHE A 32 -12.76 -17.51 11.14
C PHE A 32 -12.64 -19.02 11.11
N LYS A 33 -13.76 -19.72 11.02
CA LYS A 33 -13.74 -21.17 10.93
C LYS A 33 -13.00 -21.64 9.68
N GLU A 34 -13.35 -21.05 8.54
CA GLU A 34 -12.72 -21.41 7.28
C GLU A 34 -11.25 -21.02 7.28
N LYS A 35 -10.95 -19.84 7.81
CA LYS A 35 -9.60 -19.30 7.72
C LYS A 35 -8.63 -19.91 8.73
N PHE A 36 -9.08 -20.06 9.98
CA PHE A 36 -8.18 -20.48 11.05
C PHE A 36 -8.50 -21.85 11.63
N GLY A 37 -9.56 -22.48 11.15
CA GLY A 37 -10.05 -23.71 11.72
C GLY A 37 -9.08 -24.87 11.86
N ASP A 38 -8.09 -24.91 10.98
CA ASP A 38 -7.15 -26.03 10.96
C ASP A 38 -5.90 -25.78 11.82
N VAL A 39 -5.84 -24.63 12.48
CA VAL A 39 -4.66 -24.29 13.28
C VAL A 39 -4.49 -25.20 14.49
N LYS A 40 -3.31 -25.79 14.63
CA LYS A 40 -3.00 -26.60 15.80
C LYS A 40 -1.80 -26.06 16.58
N PHE A 41 -1.09 -25.09 16.01
CA PHE A 41 0.05 -24.49 16.68
C PHE A 41 0.05 -22.96 16.57
N VAL A 42 0.51 -22.30 17.62
CA VAL A 42 0.76 -20.86 17.55
C VAL A 42 2.18 -20.58 18.03
N CYS A 43 3.02 -20.07 17.13
CA CYS A 43 4.39 -19.73 17.48
C CYS A 43 4.52 -18.23 17.70
N VAL A 44 5.06 -17.85 18.86
CA VAL A 44 5.14 -16.44 19.21
C VAL A 44 6.53 -16.04 19.69
N CYS A 45 6.89 -14.78 19.48
CA CYS A 45 8.07 -14.18 20.10
C CYS A 45 7.94 -12.66 20.18
N GLY A 46 8.89 -12.01 20.84
CA GLY A 46 8.81 -10.58 21.05
C GLY A 46 9.00 -9.74 19.80
N SER A 47 9.60 -10.32 18.75
CA SER A 47 10.00 -9.57 17.58
C SER A 47 9.15 -9.89 16.34
N SER A 48 8.54 -8.87 15.76
CA SER A 48 7.76 -9.06 14.54
C SER A 48 8.65 -9.54 13.39
N GLY A 49 9.85 -8.98 13.30
CA GLY A 49 10.77 -9.33 12.23
C GLY A 49 11.18 -10.79 12.34
N ARG A 50 11.48 -11.21 13.55
CA ARG A 50 11.98 -12.57 13.77
C ARG A 50 10.89 -13.62 13.58
N ILE A 51 9.67 -13.33 14.01
CA ILE A 51 8.61 -14.31 13.86
C ILE A 51 8.20 -14.39 12.40
N HIS A 52 8.34 -13.28 11.68
CA HIS A 52 8.07 -13.27 10.24
C HIS A 52 9.07 -14.16 9.52
N ASN A 53 10.35 -13.98 9.86
CA ASN A 53 11.42 -14.78 9.28
C ASN A 53 11.21 -16.27 9.57
N PHE A 54 10.75 -16.57 10.78
CA PHE A 54 10.50 -17.96 11.15
C PHE A 54 9.39 -18.54 10.29
N ALA A 55 8.32 -17.77 10.11
CA ALA A 55 7.22 -18.19 9.26
C ALA A 55 7.69 -18.41 7.82
N ILE A 56 8.61 -17.58 7.37
CA ILE A 56 9.19 -17.72 6.04
C ILE A 56 9.97 -19.03 5.94
N SER A 57 10.65 -19.40 7.02
CA SER A 57 11.41 -20.65 7.03
C SER A 57 10.46 -21.84 7.04
N MET A 58 9.37 -21.72 7.78
CA MET A 58 8.39 -22.79 7.84
C MET A 58 7.71 -22.99 6.49
N ALA A 59 7.48 -21.90 5.76
CA ALA A 59 6.88 -21.97 4.42
C ALA A 59 7.81 -22.66 3.45
N LYS A 60 9.10 -22.36 3.54
CA LYS A 60 10.11 -23.02 2.72
C LYS A 60 10.12 -24.52 3.03
N LEU A 61 10.06 -24.86 4.31
CA LEU A 61 9.96 -26.26 4.71
C LEU A 61 8.68 -26.91 4.22
N ALA A 62 7.60 -26.12 4.16
CA ALA A 62 6.32 -26.62 3.68
C ALA A 62 6.30 -26.78 2.17
N GLY A 63 7.34 -26.26 1.51
CA GLY A 63 7.38 -26.28 0.06
C GLY A 63 6.47 -25.25 -0.56
N LEU A 64 6.25 -24.16 0.17
CA LEU A 64 5.39 -23.08 -0.30
C LEU A 64 6.22 -21.91 -0.82
N PRO A 67 5.22 -15.21 -0.90
CA PRO A 67 5.39 -14.38 0.30
C PRO A 67 4.50 -14.83 1.46
N VAL A 68 4.99 -14.66 2.68
CA VAL A 68 4.18 -14.89 3.87
C VAL A 68 3.58 -13.54 4.28
N GLU A 69 2.30 -13.35 3.97
CA GLU A 69 1.67 -12.05 4.10
C GLU A 69 1.04 -11.84 5.47
N ASN A 70 1.17 -10.62 5.99
CA ASN A 70 0.57 -10.22 7.25
C ASN A 70 -0.95 -10.28 7.19
N ILE A 71 -1.56 -11.01 8.12
CA ILE A 71 -3.02 -11.10 8.20
C ILE A 71 -3.57 -9.92 9.00
N ALA A 72 -2.77 -9.40 9.91
CA ALA A 72 -3.16 -8.25 10.71
C ALA A 72 -3.38 -7.02 9.82
N GLY A 73 -4.23 -6.10 10.27
CA GLY A 73 -4.53 -4.91 9.51
C GLY A 73 -3.43 -3.86 9.60
N SER A 74 -3.62 -2.76 8.88
CA SER A 74 -2.58 -1.74 8.70
C SER A 74 -2.04 -1.13 10.00
N HIS A 75 -2.94 -0.70 10.88
CA HIS A 75 -2.52 0.02 12.08
C HIS A 75 -2.43 -0.85 13.33
N ALA A 76 -2.18 -2.14 13.12
CA ALA A 76 -2.12 -3.09 14.22
C ALA A 76 -0.80 -2.99 15.00
N ARG A 77 -0.87 -3.28 16.31
CA ARG A 77 0.31 -3.39 17.15
C ARG A 77 1.06 -4.69 16.89
N PHE A 78 0.33 -5.73 16.49
CA PHE A 78 0.93 -7.04 16.29
C PHE A 78 0.83 -7.52 14.84
N VAL A 79 1.72 -8.42 14.45
CA VAL A 79 1.62 -9.09 13.15
C VAL A 79 1.00 -10.47 13.34
N LEU A 80 0.41 -10.99 12.28
CA LEU A 80 -0.15 -12.33 12.29
C LEU A 80 0.09 -13.01 10.94
N TYR A 81 0.75 -14.17 10.96
CA TYR A 81 0.97 -14.93 9.74
C TYR A 81 0.41 -16.34 9.90
N LYS A 82 0.22 -17.03 8.77
CA LYS A 82 -0.22 -18.42 8.83
C LYS A 82 0.50 -19.27 7.79
N VAL A 83 1.06 -20.39 8.24
CA VAL A 83 1.65 -21.37 7.34
C VAL A 83 1.05 -22.73 7.67
N ASP A 84 0.22 -23.25 6.75
CA ASP A 84 -0.54 -24.47 6.98
C ASP A 84 -1.24 -24.44 8.33
N HIS A 85 -0.88 -25.35 9.24
CA HIS A 85 -1.58 -25.49 10.51
C HIS A 85 -0.94 -24.68 11.64
N ILE A 86 -0.10 -23.72 11.29
CA ILE A 86 0.58 -22.92 12.29
C ILE A 86 0.24 -21.44 12.19
N LEU A 87 -0.09 -20.84 13.33
CA LEU A 87 -0.23 -19.38 13.40
C LEU A 87 1.05 -18.76 13.97
N PHE A 88 1.41 -17.59 13.48
CA PHE A 88 2.59 -16.87 13.94
C PHE A 88 2.20 -15.47 14.39
N ALA A 89 2.63 -15.07 15.59
CA ALA A 89 2.33 -13.72 16.09
C ALA A 89 3.45 -13.20 16.98
N ASP A 90 3.62 -11.88 17.03
CA ASP A 90 4.55 -11.30 18.00
C ASP A 90 3.75 -10.81 19.21
N HIS A 91 4.44 -10.50 20.30
CA HIS A 91 3.73 -10.10 21.52
C HIS A 91 4.45 -9.01 22.31
N GLY A 92 5.41 -8.36 21.67
CA GLY A 92 6.19 -7.33 22.35
C GLY A 92 6.95 -7.92 23.51
N MET A 93 7.21 -7.10 24.53
CA MET A 93 7.96 -7.51 25.70
C MET A 93 7.18 -7.28 26.99
N GLY A 94 7.13 -8.29 27.84
CA GLY A 94 6.52 -8.14 29.14
C GLY A 94 5.15 -8.79 29.25
N ILE A 95 4.78 -9.18 30.46
CA ILE A 95 3.52 -9.87 30.73
C ILE A 95 2.27 -9.11 30.22
N PRO A 96 2.14 -7.79 30.51
CA PRO A 96 0.96 -7.09 30.02
C PRO A 96 0.79 -7.13 28.51
N SER A 97 1.88 -6.93 27.78
CA SER A 97 1.84 -6.97 26.32
C SER A 97 1.52 -8.37 25.82
N ALA A 98 2.12 -9.37 26.45
CA ALA A 98 1.84 -10.76 26.10
C ALA A 98 0.38 -11.13 26.38
N LEU A 99 -0.21 -10.55 27.42
CA LEU A 99 -1.60 -10.86 27.74
C LEU A 99 -2.56 -10.24 26.72
N ILE A 100 -2.14 -9.16 26.07
CA ILE A 100 -2.96 -8.56 25.01
C ILE A 100 -3.04 -9.53 23.83
N MET A 101 -1.89 -10.05 23.42
CA MET A 101 -1.84 -11.03 22.34
C MET A 101 -2.63 -12.27 22.72
N LEU A 102 -2.42 -12.75 23.95
CA LEU A 102 -3.04 -13.99 24.40
C LEU A 102 -4.56 -13.92 24.40
N HIS A 103 -5.12 -12.81 24.89
CA HIS A 103 -6.56 -12.66 24.90
C HIS A 103 -7.13 -12.68 23.48
N GLU A 104 -6.51 -11.92 22.59
CA GLU A 104 -7.09 -11.75 21.26
C GLU A 104 -6.86 -13.01 20.40
N VAL A 105 -5.71 -13.68 20.57
CA VAL A 105 -5.46 -14.89 19.79
C VAL A 105 -6.31 -16.07 20.32
N THR A 106 -6.48 -16.19 21.63
CA THR A 106 -7.29 -17.28 22.17
C THR A 106 -8.77 -17.07 21.81
N LYS A 107 -9.21 -15.82 21.72
CA LYS A 107 -10.56 -15.56 21.22
C LYS A 107 -10.68 -16.02 19.77
N LEU A 108 -9.71 -15.60 18.95
CA LEU A 108 -9.65 -16.00 17.54
C LEU A 108 -9.76 -17.51 17.39
N LEU A 109 -8.95 -18.22 18.18
CA LEU A 109 -8.92 -19.67 18.14
C LEU A 109 -10.26 -20.25 18.52
N HIS A 110 -10.86 -19.68 19.56
CA HIS A 110 -12.17 -20.11 19.99
C HIS A 110 -13.22 -19.92 18.89
N TYR A 111 -13.21 -18.73 18.27
CA TYR A 111 -14.16 -18.44 17.21
C TYR A 111 -13.96 -19.39 16.01
N ALA A 112 -12.71 -19.78 15.77
CA ALA A 112 -12.40 -20.66 14.64
C ALA A 112 -12.76 -22.12 14.91
N GLY A 113 -12.99 -22.44 16.18
CA GLY A 113 -13.29 -23.81 16.58
C GLY A 113 -12.03 -24.62 16.87
N CYS A 114 -10.91 -23.95 17.06
CA CYS A 114 -9.65 -24.61 17.38
C CYS A 114 -9.59 -24.97 18.86
N LYS A 115 -9.31 -26.23 19.16
CA LYS A 115 -9.21 -26.66 20.55
C LYS A 115 -7.88 -27.34 20.82
N ASP A 116 -7.38 -27.19 22.05
CA ASP A 116 -6.15 -27.86 22.49
C ASP A 116 -4.99 -27.53 21.56
N VAL A 117 -4.75 -26.24 21.36
CA VAL A 117 -3.69 -25.76 20.51
C VAL A 117 -2.41 -25.66 21.33
N LEU A 118 -1.26 -25.94 20.70
CA LEU A 118 0.01 -25.74 21.39
C LEU A 118 0.59 -24.36 21.04
N PHE A 119 0.75 -23.54 22.07
CA PHE A 119 1.48 -22.27 21.94
C PHE A 119 2.96 -22.50 22.19
N ILE A 120 3.79 -21.97 21.30
CA ILE A 120 5.23 -22.08 21.43
C ILE A 120 5.89 -20.71 21.44
N ARG A 121 6.44 -20.33 22.58
CA ARG A 121 7.20 -19.09 22.66
C ARG A 121 8.65 -19.35 22.29
N LEU A 122 9.10 -18.65 21.27
CA LEU A 122 10.48 -18.74 20.78
C LEU A 122 11.24 -17.47 21.13
N GLY A 123 11.68 -17.34 22.37
CA GLY A 123 12.23 -16.08 22.82
C GLY A 123 13.73 -16.03 23.01
N THR A 124 14.19 -14.92 23.55
CA THR A 124 15.56 -14.79 24.02
C THR A 124 15.51 -14.55 25.52
N SER A 125 16.61 -14.84 26.21
CA SER A 125 16.63 -14.82 27.66
C SER A 125 18.04 -14.66 28.20
N GLY A 126 18.15 -14.43 29.50
CA GLY A 126 19.45 -14.44 30.15
C GLY A 126 19.65 -15.82 30.75
N GLY A 127 20.85 -16.39 30.57
CA GLY A 127 21.12 -17.71 31.11
C GLY A 127 21.66 -17.67 32.52
N LEU A 128 21.42 -18.74 33.28
CA LEU A 128 22.06 -18.94 34.58
C LEU A 128 22.91 -20.19 34.54
N GLY A 129 24.23 -20.01 34.56
CA GLY A 129 25.15 -21.13 34.61
C GLY A 129 25.21 -21.94 33.32
N VAL A 130 24.78 -21.34 32.22
CA VAL A 130 24.92 -21.97 30.92
C VAL A 130 25.56 -20.98 29.96
N LYS A 131 26.18 -21.49 28.90
CA LYS A 131 26.87 -20.65 27.94
C LYS A 131 25.87 -19.90 27.07
N PRO A 132 26.23 -18.67 26.66
CA PRO A 132 25.43 -17.92 25.67
C PRO A 132 25.18 -18.74 24.41
N GLY A 133 23.95 -18.73 23.90
CA GLY A 133 23.61 -19.51 22.72
C GLY A 133 22.92 -20.83 23.05
N THR A 134 22.81 -21.13 24.35
CA THR A 134 22.14 -22.33 24.82
C THR A 134 20.63 -22.24 24.64
N ILE A 135 20.01 -23.33 24.19
CA ILE A 135 18.55 -23.42 24.16
C ILE A 135 18.03 -23.98 25.47
N VAL A 136 17.21 -23.20 26.16
CA VAL A 136 16.56 -23.67 27.37
C VAL A 136 15.10 -24.01 27.08
N LEU A 137 14.76 -25.27 27.30
CA LEU A 137 13.38 -25.72 27.28
C LEU A 137 12.84 -25.60 28.70
N SER A 138 11.88 -24.70 28.91
CA SER A 138 11.34 -24.46 30.25
C SER A 138 10.56 -25.68 30.73
N ASP A 139 10.90 -26.18 31.92
CA ASP A 139 10.11 -27.25 32.49
C ASP A 139 9.19 -26.69 33.58
N ARG A 140 9.37 -25.42 33.89
CA ARG A 140 8.41 -24.66 34.68
C ARG A 140 8.68 -23.16 34.54
N CYS A 141 7.63 -22.37 34.65
CA CYS A 141 7.75 -20.91 34.59
C CYS A 141 7.30 -20.32 35.92
N VAL A 142 8.18 -19.54 36.53
CA VAL A 142 7.93 -19.01 37.87
C VAL A 142 8.19 -17.52 37.93
N ASN A 143 7.60 -16.84 38.91
CA ASN A 143 7.87 -15.42 39.06
C ASN A 143 9.21 -15.21 39.75
N THR A 144 9.52 -13.97 40.07
CA THR A 144 10.79 -13.62 40.70
C THR A 144 10.89 -14.12 42.16
N LYS A 145 9.81 -14.66 42.69
CA LYS A 145 9.84 -15.28 44.01
C LYS A 145 9.85 -16.79 43.89
N LEU A 146 10.07 -17.27 42.67
CA LEU A 146 10.17 -18.69 42.33
C LEU A 146 8.84 -19.44 42.50
N GLU A 147 7.73 -18.71 42.44
CA GLU A 147 6.40 -19.31 42.55
C GLU A 147 5.78 -19.51 41.17
N PRO A 148 5.21 -20.71 40.93
CA PRO A 148 4.61 -21.05 39.63
C PRO A 148 3.23 -20.44 39.43
N TYR A 149 3.15 -19.12 39.48
CA TYR A 149 1.89 -18.43 39.36
C TYR A 149 2.04 -17.13 38.58
N ASN A 150 1.01 -16.79 37.82
CA ASN A 150 0.90 -15.44 37.28
C ASN A 150 -0.03 -14.65 38.19
N GLU A 151 0.41 -13.46 38.58
CA GLU A 151 -0.38 -12.60 39.46
C GLU A 151 -1.14 -11.54 38.67
N LEU A 152 -2.41 -11.36 39.01
CA LEU A 152 -3.22 -10.34 38.37
C LEU A 152 -4.02 -9.58 39.42
N CYS A 153 -4.44 -8.37 39.07
CA CYS A 153 -5.29 -7.57 39.93
C CYS A 153 -6.54 -7.21 39.15
N ILE A 154 -7.63 -7.93 39.41
CA ILE A 154 -8.86 -7.82 38.62
C ILE A 154 -9.98 -7.17 39.44
N LEU A 155 -10.49 -6.04 38.94
CA LEU A 155 -11.40 -5.19 39.69
C LEU A 155 -10.82 -4.81 41.05
N GLY A 156 -9.50 -4.61 41.10
CA GLY A 156 -8.84 -4.19 42.32
C GLY A 156 -8.54 -5.30 43.29
N LYS A 157 -8.78 -6.55 42.89
CA LYS A 157 -8.56 -7.69 43.77
C LYS A 157 -7.48 -8.64 43.24
N PRO A 158 -6.61 -9.14 44.13
CA PRO A 158 -5.48 -10.02 43.77
C PRO A 158 -5.93 -11.41 43.33
N VAL A 159 -5.40 -11.87 42.20
CA VAL A 159 -5.73 -13.18 41.65
C VAL A 159 -4.44 -13.87 41.26
N ARG A 160 -4.39 -15.19 41.40
CA ARG A 160 -3.21 -15.95 41.02
C ARG A 160 -3.62 -17.06 40.08
N ARG A 161 -2.87 -17.26 39.02
CA ARG A 161 -3.17 -18.32 38.06
C ARG A 161 -1.95 -19.21 37.85
N GLN A 162 -2.13 -20.50 38.14
CA GLN A 162 -1.03 -21.47 38.08
C GLN A 162 -0.43 -21.54 36.69
N THR A 163 0.88 -21.69 36.64
CA THR A 163 1.59 -21.86 35.38
C THR A 163 1.72 -23.36 35.08
N ILE A 164 1.34 -23.76 33.88
CA ILE A 164 1.44 -25.16 33.47
C ILE A 164 2.18 -25.29 32.14
N VAL A 165 3.32 -25.95 32.16
CA VAL A 165 4.11 -26.21 30.96
C VAL A 165 3.75 -27.58 30.40
N ASP A 166 3.63 -27.68 29.08
CA ASP A 166 3.33 -28.96 28.44
C ASP A 166 4.58 -29.84 28.45
N LEU A 167 4.76 -30.60 29.53
CA LEU A 167 5.99 -31.33 29.78
C LEU A 167 6.19 -32.51 28.84
N ASN A 168 5.09 -33.13 28.42
CA ASN A 168 5.16 -34.21 27.45
C ASN A 168 5.83 -33.72 26.16
N THR A 169 5.49 -32.50 25.74
CA THR A 169 6.08 -31.92 24.55
C THR A 169 7.54 -31.49 24.77
N VAL A 170 7.84 -30.93 25.94
CA VAL A 170 9.22 -30.57 26.26
C VAL A 170 10.13 -31.77 26.14
N ASN A 171 9.72 -32.89 26.72
CA ASN A 171 10.51 -34.12 26.66
C ASN A 171 10.67 -34.64 25.22
N GLU A 172 9.64 -34.50 24.40
CA GLU A 172 9.73 -34.89 23.01
C GLU A 172 10.76 -34.02 22.27
N LEU A 173 10.74 -32.73 22.54
CA LEU A 173 11.70 -31.79 21.96
C LEU A 173 13.12 -32.08 22.39
N LYS A 174 13.31 -32.42 23.67
CA LYS A 174 14.64 -32.74 24.18
C LYS A 174 15.17 -33.99 23.49
N LYS A 175 14.34 -35.03 23.42
CA LYS A 175 14.69 -36.27 22.73
C LYS A 175 15.01 -36.01 21.25
N LEU A 176 14.23 -35.13 20.64
CA LEU A 176 14.45 -34.72 19.26
C LEU A 176 15.83 -34.09 19.10
N SER A 177 16.16 -33.16 19.99
CA SER A 177 17.44 -32.45 19.94
C SER A 177 18.64 -33.38 20.11
N GLU A 178 18.47 -34.43 20.91
CA GLU A 178 19.54 -35.39 21.14
C GLU A 178 19.82 -36.20 19.88
N ASN A 179 18.85 -36.24 18.97
CA ASN A 179 19.01 -36.97 17.72
C ASN A 179 19.35 -36.04 16.56
N LEU A 180 19.34 -34.74 16.82
CA LEU A 180 19.69 -33.75 15.81
C LEU A 180 21.14 -33.31 15.95
N SER A 181 21.58 -32.39 15.08
CA SER A 181 22.93 -31.86 15.13
C SER A 181 22.92 -30.34 15.21
N LEU A 182 22.50 -29.81 16.36
CA LEU A 182 22.49 -28.37 16.57
C LEU A 182 23.82 -27.93 17.14
N GLU A 183 24.20 -26.67 16.89
CA GLU A 183 25.50 -26.16 17.30
C GLU A 183 25.48 -25.67 18.73
N CYS A 184 24.56 -26.19 19.53
CA CYS A 184 24.38 -25.70 20.89
C CYS A 184 23.90 -26.82 21.82
N SER A 185 24.00 -26.58 23.12
CA SER A 185 23.41 -27.46 24.11
C SER A 185 21.92 -27.16 24.23
N VAL A 186 21.14 -28.17 24.60
CA VAL A 186 19.73 -27.99 24.91
C VAL A 186 19.48 -28.39 26.36
N VAL A 187 19.22 -27.39 27.20
CA VAL A 187 19.03 -27.58 28.63
C VAL A 187 17.55 -27.56 28.99
N VAL A 188 17.14 -28.51 29.82
CA VAL A 188 15.80 -28.50 30.38
C VAL A 188 15.90 -27.94 31.79
N GLY A 189 15.17 -26.88 32.08
CA GLY A 189 15.24 -26.27 33.39
C GLY A 189 14.21 -25.18 33.57
N GLY A 190 14.19 -24.59 34.76
CA GLY A 190 13.20 -23.60 35.12
C GLY A 190 13.46 -22.23 34.52
N THR A 191 12.40 -21.43 34.44
CA THR A 191 12.50 -20.11 33.81
C THR A 191 11.79 -19.05 34.64
N ILE A 192 12.55 -18.05 35.08
CA ILE A 192 11.98 -16.90 35.78
C ILE A 192 11.45 -15.87 34.80
N ALA A 193 10.20 -15.45 34.99
CA ALA A 193 9.66 -14.31 34.25
C ALA A 193 9.68 -13.07 35.14
N ALA A 194 10.27 -11.99 34.64
CA ALA A 194 10.36 -10.76 35.41
C ALA A 194 9.60 -9.62 34.74
N ASN A 195 9.20 -8.63 35.53
CA ASN A 195 8.43 -7.49 35.03
C ASN A 195 9.30 -6.28 34.66
N ASP A 196 10.55 -6.55 34.30
CA ASP A 196 11.52 -5.52 33.94
C ASP A 196 12.73 -6.24 33.35
N PHE A 197 13.52 -5.54 32.54
CA PHE A 197 14.72 -6.15 31.99
C PHE A 197 15.89 -5.98 32.96
N TYR A 198 15.85 -4.94 33.79
CA TYR A 198 17.01 -4.57 34.59
C TYR A 198 16.92 -4.96 36.06
N GLU A 199 16.29 -4.13 36.87
CA GLU A 199 16.29 -4.32 38.32
C GLU A 199 15.66 -5.63 38.80
N GLU A 200 14.55 -6.02 38.20
CA GLU A 200 13.88 -7.24 38.60
C GLU A 200 14.64 -8.47 38.13
N GLN A 201 15.57 -8.30 37.20
CA GLN A 201 16.40 -9.40 36.74
C GLN A 201 17.76 -9.40 37.44
N GLY A 202 17.89 -8.54 38.44
CA GLY A 202 19.10 -8.45 39.24
C GLY A 202 20.26 -7.79 38.50
N ARG A 203 19.95 -7.00 37.49
CA ARG A 203 21.00 -6.31 36.74
C ARG A 203 21.58 -5.16 37.55
N LEU A 204 22.90 -4.99 37.48
CA LEU A 204 23.55 -3.89 38.17
C LEU A 204 23.69 -2.68 37.27
N ASP A 205 23.29 -2.83 36.01
CA ASP A 205 23.62 -1.83 34.99
C ASP A 205 22.44 -1.05 34.43
N GLY A 206 21.35 -0.96 35.18
CA GLY A 206 20.23 -0.11 34.79
C GLY A 206 20.46 1.34 35.17
N SER A 207 19.44 2.18 35.01
CA SER A 207 19.54 3.60 35.40
C SER A 207 19.40 3.75 36.91
N ILE A 208 18.82 2.72 37.53
CA ILE A 208 18.65 2.64 38.97
C ILE A 208 19.11 1.27 39.45
N CYS A 209 19.83 1.23 40.58
CA CYS A 209 20.17 -0.03 41.22
C CYS A 209 20.33 0.20 42.73
N THR A 210 19.56 -0.55 43.52
CA THR A 210 19.54 -0.35 44.97
C THR A 210 20.16 -1.50 45.73
N PHE A 211 20.85 -2.37 45.00
CA PHE A 211 21.48 -3.53 45.62
C PHE A 211 22.93 -3.71 45.19
N SER A 212 23.65 -4.56 45.91
CA SER A 212 25.05 -4.83 45.64
C SER A 212 25.23 -6.05 44.74
N LYS A 213 26.44 -6.23 44.24
CA LYS A 213 26.78 -7.40 43.43
C LYS A 213 26.57 -8.67 44.26
N GLU A 214 26.96 -8.62 45.52
CA GLU A 214 26.77 -9.73 46.45
C GLU A 214 25.31 -10.14 46.56
N GLU A 215 24.43 -9.16 46.73
CA GLU A 215 23.00 -9.40 46.79
C GLU A 215 22.44 -9.91 45.46
N LYS A 216 22.97 -9.40 44.34
CA LYS A 216 22.58 -9.90 43.03
C LYS A 216 22.90 -11.38 42.89
N LEU A 217 24.14 -11.75 43.21
CA LEU A 217 24.59 -13.12 43.00
C LEU A 217 23.93 -14.11 43.96
N ALA A 218 23.56 -13.66 45.16
CA ALA A 218 22.86 -14.53 46.10
C ALA A 218 21.48 -14.86 45.56
N PHE A 219 20.86 -13.85 44.94
CA PHE A 219 19.58 -14.00 44.28
C PHE A 219 19.66 -14.98 43.11
N LEU A 220 20.64 -14.81 42.25
CA LEU A 220 20.74 -15.63 41.05
C LEU A 220 21.22 -17.05 41.36
N GLN A 221 22.17 -17.18 42.29
CA GLN A 221 22.69 -18.48 42.65
C GLN A 221 21.62 -19.31 43.36
N SER A 222 20.80 -18.64 44.18
CA SER A 222 19.69 -19.32 44.83
C SER A 222 18.70 -19.84 43.79
N ALA A 223 18.43 -19.02 42.78
CA ALA A 223 17.56 -19.41 41.67
C ALA A 223 18.15 -20.63 40.94
N TYR A 224 19.46 -20.60 40.71
CA TYR A 224 20.14 -21.72 40.03
C TYR A 224 19.95 -23.01 40.82
N GLU A 225 20.17 -22.92 42.13
CA GLU A 225 20.03 -24.08 43.01
C GLU A 225 18.59 -24.59 43.06
N HIS A 226 17.65 -23.72 42.70
CA HIS A 226 16.25 -24.12 42.59
C HIS A 226 15.92 -24.56 41.17
N GLY A 227 16.95 -24.81 40.38
CA GLY A 227 16.79 -25.36 39.04
C GLY A 227 16.60 -24.36 37.91
N ILE A 228 16.57 -23.07 38.23
CA ILE A 228 16.37 -22.07 37.17
C ILE A 228 17.60 -22.00 36.27
N ARG A 229 17.37 -22.04 34.97
CA ARG A 229 18.47 -21.97 34.01
C ARG A 229 18.38 -20.76 33.09
N ASN A 230 17.25 -20.05 33.11
CA ASN A 230 17.15 -18.81 32.35
C ASN A 230 16.06 -17.86 32.85
N MET A 231 16.04 -16.67 32.27
CA MET A 231 15.20 -15.58 32.77
C MET A 231 14.71 -14.68 31.63
N GLU A 232 13.38 -14.56 31.50
CA GLU A 232 12.80 -13.68 30.48
C GLU A 232 11.64 -12.90 31.10
N MET A 233 10.67 -12.47 30.29
CA MET A 233 9.69 -11.50 30.80
C MET A 233 8.21 -11.84 30.59
N GLU A 234 7.90 -13.00 30.00
CA GLU A 234 6.49 -13.34 29.72
C GLU A 234 6.06 -14.75 30.10
N GLY A 235 7.01 -15.63 30.43
CA GLY A 235 6.74 -17.05 30.64
C GLY A 235 5.50 -17.39 31.46
N THR A 236 5.33 -16.70 32.58
CA THR A 236 4.22 -16.97 33.48
C THR A 236 2.87 -16.56 32.91
N ALA A 237 2.88 -15.61 31.99
CA ALA A 237 1.64 -15.20 31.34
C ALA A 237 1.20 -16.27 30.35
N ILE A 238 2.12 -16.67 29.49
CA ILE A 238 1.82 -17.62 28.44
C ILE A 238 1.38 -18.96 29.01
N THR A 239 2.10 -19.47 30.00
CA THR A 239 1.83 -20.80 30.53
C THR A 239 0.70 -20.85 31.56
N SER A 240 0.21 -19.70 32.00
CA SER A 240 -0.99 -19.71 32.86
C SER A 240 -2.25 -19.50 32.02
N HIS A 241 -2.17 -18.61 31.03
CA HIS A 241 -3.35 -18.26 30.24
C HIS A 241 -3.82 -19.37 29.29
N CYS A 242 -2.88 -20.05 28.64
CA CYS A 242 -3.25 -21.08 27.67
C CYS A 242 -3.99 -22.24 28.32
N TYR A 243 -3.49 -22.67 29.48
CA TYR A 243 -4.13 -23.73 30.24
C TYR A 243 -5.58 -23.36 30.56
N LEU A 244 -5.78 -22.13 31.03
CA LEU A 244 -7.11 -21.67 31.42
C LEU A 244 -8.06 -21.49 30.24
N THR A 245 -7.51 -21.42 29.03
CA THR A 245 -8.36 -21.31 27.84
C THR A 245 -8.39 -22.63 27.06
N GLY A 246 -7.89 -23.70 27.67
CA GLY A 246 -7.98 -25.03 27.10
C GLY A 246 -6.87 -25.43 26.15
N HIS A 247 -5.75 -24.70 26.21
CA HIS A 247 -4.64 -24.95 25.31
C HIS A 247 -3.39 -25.38 26.06
N ARG A 248 -2.33 -25.69 25.31
CA ARG A 248 -1.05 -26.07 25.91
C ARG A 248 0.01 -25.03 25.55
N ALA A 249 1.12 -25.02 26.30
CA ALA A 249 2.17 -24.05 26.05
C ALA A 249 3.55 -24.53 26.51
N ILE A 250 4.57 -24.13 25.76
CA ILE A 250 5.96 -24.36 26.11
C ILE A 250 6.75 -23.09 25.85
N LEU A 251 7.92 -23.00 26.49
CA LEU A 251 8.87 -21.96 26.15
C LEU A 251 10.15 -22.59 25.63
N VAL A 252 10.59 -22.12 24.47
CA VAL A 252 11.85 -22.54 23.88
C VAL A 252 12.68 -21.29 23.64
N CYS A 253 13.56 -20.97 24.59
CA CYS A 253 14.32 -19.73 24.52
C CYS A 253 15.83 -19.96 24.43
N VAL A 254 16.50 -19.14 23.63
CA VAL A 254 17.95 -19.13 23.60
C VAL A 254 18.46 -18.16 24.67
N THR A 255 19.66 -18.38 25.15
CA THR A 255 20.26 -17.45 26.12
C THR A 255 21.22 -16.52 25.38
N ALA A 256 21.29 -15.27 25.84
CA ALA A 256 22.08 -14.25 25.15
C ALA A 256 23.26 -13.79 26.01
N VAL A 257 23.29 -14.27 27.25
CA VAL A 257 24.31 -13.90 28.21
C VAL A 257 24.25 -14.87 29.38
N ASN A 258 25.38 -15.08 30.05
CA ASN A 258 25.41 -15.82 31.30
C ASN A 258 25.38 -14.82 32.45
N ARG A 259 24.22 -14.72 33.09
CA ARG A 259 24.00 -13.73 34.13
C ARG A 259 24.82 -13.97 35.39
N LEU A 260 25.39 -15.17 35.52
CA LEU A 260 26.30 -15.45 36.62
C LEU A 260 27.67 -14.79 36.36
N GLU A 261 27.93 -14.44 35.10
CA GLU A 261 29.16 -13.77 34.72
C GLU A 261 28.97 -12.26 34.49
N GLY A 262 27.79 -11.86 34.02
CA GLY A 262 27.56 -10.47 33.70
C GLY A 262 26.11 -10.09 33.42
N ASP A 263 25.90 -8.83 33.06
CA ASP A 263 24.56 -8.31 32.80
C ASP A 263 24.45 -7.81 31.37
N GLN A 264 25.50 -7.16 30.89
CA GLN A 264 25.54 -6.59 29.55
C GLN A 264 25.44 -7.67 28.47
N ILE A 265 24.66 -7.37 27.44
CA ILE A 265 24.61 -8.19 26.23
C ILE A 265 25.74 -7.75 25.30
N THR A 266 26.86 -8.45 25.34
CA THR A 266 28.05 -7.99 24.63
C THR A 266 28.25 -8.65 23.27
N ILE A 267 27.52 -9.73 22.99
CA ILE A 267 27.68 -10.38 21.70
C ILE A 267 27.20 -9.44 20.62
N SER A 268 27.73 -9.61 19.41
CA SER A 268 27.41 -8.75 18.29
C SER A 268 25.96 -8.91 17.90
N THR A 269 25.48 -7.96 17.09
CA THR A 269 24.14 -8.01 16.51
C THR A 269 23.96 -9.27 15.69
N ASP A 270 24.98 -9.58 14.88
CA ASP A 270 24.96 -10.77 14.04
C ASP A 270 24.91 -12.06 14.85
N GLU A 271 25.73 -12.12 15.89
CA GLU A 271 25.77 -13.30 16.75
C GLU A 271 24.44 -13.49 17.47
N PHE A 272 23.85 -12.38 17.91
CA PHE A 272 22.57 -12.42 18.60
C PHE A 272 21.49 -12.97 17.69
N THR A 273 21.50 -12.50 16.44
CA THR A 273 20.54 -12.97 15.44
C THR A 273 20.70 -14.47 15.19
N LEU A 274 21.95 -14.91 15.06
CA LEU A 274 22.24 -16.33 14.90
C LEU A 274 21.69 -17.16 16.06
N PHE A 275 21.91 -16.68 17.28
CA PHE A 275 21.44 -17.37 18.49
C PHE A 275 19.92 -17.41 18.54
N ALA A 276 19.29 -16.29 18.23
CA ALA A 276 17.84 -16.15 18.33
C ALA A 276 17.11 -17.05 17.34
N GLN A 277 17.82 -17.49 16.31
CA GLN A 277 17.22 -18.36 15.31
C GLN A 277 17.32 -19.83 15.72
N ARG A 278 18.11 -20.13 16.75
CA ARG A 278 18.30 -21.51 17.18
C ARG A 278 17.05 -22.21 17.74
N PRO A 279 16.20 -21.50 18.52
CA PRO A 279 14.95 -22.18 18.90
C PRO A 279 14.10 -22.59 17.70
N GLY A 280 14.04 -21.75 16.68
CA GLY A 280 13.28 -22.05 15.48
C GLY A 280 13.80 -23.25 14.73
N GLN A 281 15.10 -23.46 14.77
CA GLN A 281 15.72 -24.61 14.09
C GLN A 281 15.27 -25.94 14.70
N LEU A 282 15.19 -25.99 16.03
CA LEU A 282 14.70 -27.17 16.72
C LEU A 282 13.19 -27.33 16.53
N VAL A 283 12.45 -26.26 16.77
CA VAL A 283 11.00 -26.30 16.77
C VAL A 283 10.45 -26.56 15.37
N GLY A 284 11.08 -25.97 14.36
CA GLY A 284 10.70 -26.20 12.98
C GLY A 284 10.67 -27.66 12.58
N GLU A 285 11.70 -28.41 12.98
CA GLU A 285 11.74 -29.83 12.65
C GLU A 285 10.68 -30.59 13.43
N TYR A 286 10.44 -30.17 14.67
CA TYR A 286 9.38 -30.73 15.48
C TYR A 286 8.02 -30.54 14.81
N LEU A 287 7.77 -29.32 14.33
CA LEU A 287 6.50 -28.99 13.69
C LEU A 287 6.30 -29.83 12.44
N LYS A 288 7.40 -30.06 11.72
CA LYS A 288 7.38 -30.86 10.51
C LYS A 288 7.00 -32.30 10.79
N ARG A 289 7.49 -32.82 11.91
CA ARG A 289 7.25 -34.21 12.28
C ARG A 289 5.91 -34.40 12.99
N ASN A 290 5.28 -33.31 13.39
CA ASN A 290 4.02 -33.37 14.11
C ASN A 290 2.89 -32.63 13.42
N ASN A 291 2.88 -32.73 12.09
CA ASN A 291 1.80 -32.21 11.24
C ASN A 291 1.55 -30.70 11.37
N GLY A 292 2.57 -29.94 11.75
CA GLY A 292 2.47 -28.49 11.77
C GLY A 292 2.32 -27.96 10.36
N ILE A 293 3.11 -28.51 9.44
CA ILE A 293 3.01 -28.17 8.04
C ILE A 293 2.63 -29.39 7.22
N ILE A 294 2.19 -29.15 5.99
CA ILE A 294 2.00 -30.23 5.04
C ILE A 294 3.29 -30.40 4.25
N VAL A 295 3.86 -31.60 4.31
CA VAL A 295 5.10 -31.88 3.59
C VAL A 295 4.80 -32.16 2.12
N ARG A 296 5.13 -31.20 1.26
CA ARG A 296 4.80 -31.27 -0.16
C ARG A 296 6.01 -31.74 -0.98
N VAL B 8 22.90 8.74 41.01
CA VAL B 8 23.49 8.04 39.87
C VAL B 8 23.93 6.64 40.25
N ASN B 9 23.57 5.66 39.43
CA ASN B 9 23.98 4.28 39.64
C ASN B 9 25.50 4.14 39.53
N SER B 10 26.15 3.89 40.67
CA SER B 10 27.61 3.83 40.73
C SER B 10 28.20 2.70 39.90
N HIS B 11 27.36 1.69 39.59
CA HIS B 11 27.84 0.52 38.87
C HIS B 11 28.13 0.78 37.40
N LEU B 12 27.59 1.87 36.86
CA LEU B 12 27.82 2.20 35.45
C LEU B 12 29.29 2.52 35.21
N SER B 13 29.95 3.03 36.25
CA SER B 13 31.37 3.33 36.16
C SER B 13 32.22 2.05 36.11
N GLU B 14 31.57 0.91 36.30
CA GLU B 14 32.25 -0.38 36.18
C GLU B 14 32.21 -0.90 34.74
N LEU B 15 31.64 -0.12 33.84
CA LEU B 15 31.56 -0.52 32.43
C LEU B 15 32.52 0.29 31.58
N ASP B 16 33.35 -0.39 30.80
CA ASP B 16 34.20 0.29 29.84
C ASP B 16 33.32 0.78 28.70
N GLU B 17 32.31 -0.02 28.41
CA GLU B 17 31.37 0.26 27.34
C GLU B 17 29.97 -0.11 27.83
N ASP B 18 28.97 0.73 27.51
CA ASP B 18 27.60 0.44 27.93
C ASP B 18 26.71 0.17 26.72
N VAL B 19 26.28 -1.07 26.58
CA VAL B 19 25.46 -1.48 25.46
C VAL B 19 23.97 -1.24 25.73
N PHE B 20 23.36 -0.38 24.92
CA PHE B 20 21.92 -0.13 24.97
C PHE B 20 21.21 -1.17 24.12
N HIS B 21 20.94 -2.34 24.71
CA HIS B 21 20.53 -3.51 23.95
C HIS B 21 19.27 -3.32 23.09
N HIS B 22 18.28 -2.65 23.64
CA HIS B 22 17.00 -2.54 22.95
C HIS B 22 16.95 -1.35 22.00
N PHE B 23 17.98 -0.52 22.05
CA PHE B 23 18.09 0.58 21.09
C PHE B 23 19.18 0.31 20.06
N GLY B 24 19.92 -0.78 20.26
CA GLY B 24 20.90 -1.22 19.29
C GLY B 24 22.04 -0.27 19.01
N PHE B 25 22.47 0.47 20.04
CA PHE B 25 23.73 1.20 19.96
C PHE B 25 24.44 1.18 21.30
N THR B 26 25.57 1.86 21.37
CA THR B 26 26.45 1.79 22.53
C THR B 26 27.02 3.17 22.86
N THR B 27 27.62 3.33 24.04
CA THR B 27 28.28 4.59 24.41
C THR B 27 29.47 4.90 23.52
N LYS B 28 29.91 3.92 22.73
CA LYS B 28 30.97 4.13 21.76
C LYS B 28 30.40 4.48 20.39
N SER B 29 29.09 4.35 20.23
CA SER B 29 28.46 4.63 18.95
C SER B 29 28.47 6.12 18.62
N PHE B 30 28.26 6.95 19.64
CA PHE B 30 28.23 8.39 19.46
C PHE B 30 29.06 9.12 20.52
N ASP B 31 29.30 10.41 20.29
CA ASP B 31 29.71 11.31 21.36
C ASP B 31 28.43 11.81 22.01
N PHE B 32 28.04 11.19 23.10
CA PHE B 32 26.73 11.42 23.71
C PHE B 32 26.51 12.86 24.16
N LYS B 33 27.57 13.48 24.66
CA LYS B 33 27.49 14.87 25.07
C LYS B 33 27.21 15.77 23.87
N GLU B 34 27.94 15.54 22.78
CA GLU B 34 27.79 16.35 21.58
C GLU B 34 26.46 16.10 20.87
N LYS B 35 26.02 14.85 20.87
CA LYS B 35 24.83 14.47 20.11
C LYS B 35 23.54 14.74 20.87
N PHE B 36 23.50 14.44 22.16
CA PHE B 36 22.26 14.52 22.93
C PHE B 36 22.28 15.57 24.05
N GLY B 37 23.40 16.28 24.22
CA GLY B 37 23.55 17.20 25.34
C GLY B 37 22.51 18.29 25.44
N ASP B 38 21.90 18.64 24.32
CA ASP B 38 20.91 19.72 24.27
C ASP B 38 19.47 19.25 24.50
N VAL B 39 19.27 17.96 24.74
CA VAL B 39 17.91 17.44 24.93
C VAL B 39 17.28 17.94 26.23
N LYS B 40 16.06 18.46 26.14
CA LYS B 40 15.32 18.91 27.32
C LYS B 40 13.95 18.25 27.41
N PHE B 41 13.58 17.51 26.36
CA PHE B 41 12.30 16.84 26.32
C PHE B 41 12.44 15.44 25.71
N VAL B 42 11.66 14.49 26.23
CA VAL B 42 11.55 13.17 25.63
C VAL B 42 10.08 12.84 25.42
N CYS B 43 9.66 12.77 24.16
CA CYS B 43 8.27 12.40 23.87
C CYS B 43 8.18 10.93 23.51
N VAL B 44 7.25 10.24 24.14
CA VAL B 44 7.13 8.79 23.96
C VAL B 44 5.68 8.34 23.79
N CYS B 45 5.51 7.21 23.12
CA CYS B 45 4.22 6.53 23.06
C CYS B 45 4.44 5.08 22.66
N GLY B 46 3.36 4.30 22.59
CA GLY B 46 3.49 2.87 22.33
C GLY B 46 3.78 2.51 20.87
N SER B 47 3.56 3.47 19.97
CA SER B 47 3.64 3.18 18.55
C SER B 47 4.82 3.85 17.88
N SER B 48 5.66 3.04 17.25
CA SER B 48 6.82 3.57 16.53
C SER B 48 6.38 4.48 15.40
N GLY B 49 5.35 4.04 14.67
CA GLY B 49 4.81 4.80 13.56
C GLY B 49 4.26 6.15 14.00
N ARG B 50 3.57 6.18 15.12
CA ARG B 50 2.97 7.43 15.56
C ARG B 50 4.00 8.40 16.15
N ILE B 51 5.02 7.89 16.82
CA ILE B 51 6.01 8.80 17.39
C ILE B 51 6.89 9.35 16.28
N HIS B 52 7.11 8.57 15.22
CA HIS B 52 7.86 9.06 14.08
C HIS B 52 7.09 10.18 13.37
N ASN B 53 5.80 9.97 13.15
CA ASN B 53 4.97 11.00 12.55
C ASN B 53 4.93 12.27 13.38
N PHE B 54 4.93 12.13 14.70
CA PHE B 54 4.95 13.31 15.55
C PHE B 54 6.28 14.06 15.41
N ALA B 55 7.38 13.32 15.43
CA ALA B 55 8.71 13.92 15.22
C ALA B 55 8.76 14.64 13.88
N ILE B 56 8.20 14.01 12.85
CA ILE B 56 8.12 14.63 11.53
C ILE B 56 7.35 15.95 11.60
N SER B 57 6.25 15.96 12.35
CA SER B 57 5.45 17.17 12.49
C SER B 57 6.22 18.27 13.23
N MET B 58 6.99 17.89 14.26
CA MET B 58 7.79 18.87 14.99
C MET B 58 8.92 19.42 14.11
N ALA B 59 9.46 18.55 13.25
CA ALA B 59 10.50 18.96 12.30
C ALA B 59 9.98 20.02 11.33
N LYS B 60 8.77 19.81 10.82
CA LYS B 60 8.11 20.79 9.97
C LYS B 60 7.91 22.12 10.70
N LEU B 61 7.48 22.05 11.95
CA LEU B 61 7.30 23.24 12.79
C LEU B 61 8.61 24.01 12.93
N ALA B 62 9.70 23.27 13.12
CA ALA B 62 11.00 23.87 13.34
C ALA B 62 11.62 24.37 12.03
N GLY B 63 10.98 24.06 10.91
CA GLY B 63 11.44 24.52 9.61
C GLY B 63 12.64 23.75 9.13
N LEU B 64 12.84 22.56 9.68
CA LEU B 64 14.00 21.73 9.35
C LEU B 64 13.72 20.86 8.13
N PRO B 67 14.12 14.74 6.21
CA PRO B 67 13.79 13.43 6.75
C PRO B 67 14.25 13.27 8.20
N VAL B 68 13.35 12.83 9.08
CA VAL B 68 13.74 12.49 10.44
C VAL B 68 14.21 11.05 10.48
N GLU B 69 15.49 10.86 10.73
CA GLU B 69 16.10 9.54 10.62
C GLU B 69 16.20 8.83 11.97
N ASN B 70 15.97 7.52 11.93
CA ASN B 70 16.11 6.68 13.12
C ASN B 70 17.56 6.66 13.60
N ILE B 71 17.74 6.92 14.88
CA ILE B 71 19.06 6.93 15.52
C ILE B 71 19.39 5.55 16.10
N ALA B 72 18.35 4.80 16.46
CA ALA B 72 18.53 3.44 16.96
C ALA B 72 19.03 2.52 15.86
N GLY B 73 19.63 1.40 16.23
CA GLY B 73 20.08 0.42 15.26
C GLY B 73 18.92 -0.20 14.50
N SER B 74 19.21 -0.84 13.37
CA SER B 74 18.16 -1.39 12.50
C SER B 74 17.42 -2.57 13.13
N HIS B 75 18.12 -3.38 13.92
CA HIS B 75 17.52 -4.55 14.53
C HIS B 75 17.11 -4.30 15.99
N ALA B 76 16.84 -3.04 16.31
CA ALA B 76 16.50 -2.66 17.69
C ALA B 76 15.01 -2.83 17.97
N ARG B 77 14.67 -3.00 19.24
CA ARG B 77 13.27 -3.13 19.65
C ARG B 77 12.54 -1.80 19.54
N PHE B 78 13.25 -0.72 19.86
CA PHE B 78 12.67 0.62 19.86
C PHE B 78 13.28 1.52 18.78
N VAL B 79 12.53 2.55 18.40
CA VAL B 79 13.03 3.60 17.51
C VAL B 79 13.45 4.81 18.35
N LEU B 80 14.29 5.66 17.78
CA LEU B 80 14.75 6.87 18.46
C LEU B 80 14.99 8.01 17.46
N TYR B 81 14.32 9.13 17.67
CA TYR B 81 14.51 10.29 16.79
C TYR B 81 14.86 11.53 17.60
N LYS B 82 15.36 12.56 16.91
CA LYS B 82 15.67 13.81 17.57
C LYS B 82 15.40 14.99 16.65
N VAL B 83 14.65 15.96 17.18
CA VAL B 83 14.39 17.22 16.51
C VAL B 83 14.76 18.32 17.49
N ASP B 84 15.86 19.02 17.21
CA ASP B 84 16.39 20.04 18.12
C ASP B 84 16.50 19.50 19.54
N HIS B 85 15.79 20.11 20.49
CA HIS B 85 15.93 19.76 21.91
C HIS B 85 14.97 18.68 22.38
N ILE B 86 14.35 17.99 21.42
CA ILE B 86 13.38 16.95 21.73
C ILE B 86 13.83 15.58 21.24
N LEU B 87 13.77 14.60 22.12
CA LEU B 87 14.03 13.21 21.77
C LEU B 87 12.70 12.49 21.63
N PHE B 88 12.62 11.53 20.70
CA PHE B 88 11.40 10.76 20.49
C PHE B 88 11.72 9.28 20.54
N ALA B 89 10.87 8.51 21.24
CA ALA B 89 11.06 7.07 21.31
C ALA B 89 9.73 6.36 21.53
N ASP B 90 9.63 5.10 21.13
CA ASP B 90 8.45 4.31 21.47
C ASP B 90 8.77 3.42 22.68
N HIS B 91 7.77 2.75 23.24
CA HIS B 91 8.02 1.94 24.42
C HIS B 91 7.11 0.73 24.54
N GLY B 92 6.46 0.35 23.45
CA GLY B 92 5.56 -0.79 23.47
C GLY B 92 4.38 -0.57 24.39
N MET B 93 3.84 -1.66 24.94
CA MET B 93 2.67 -1.58 25.80
C MET B 93 2.90 -2.29 27.13
N GLY B 94 2.56 -1.61 28.21
CA GLY B 94 2.68 -2.20 29.53
C GLY B 94 3.91 -1.73 30.25
N ILE B 95 3.85 -1.82 31.58
CA ILE B 95 4.90 -1.33 32.46
C ILE B 95 6.30 -1.96 32.21
N PRO B 96 6.40 -3.30 32.09
CA PRO B 96 7.73 -3.87 31.86
C PRO B 96 8.43 -3.30 30.64
N SER B 97 7.69 -3.15 29.54
CA SER B 97 8.24 -2.63 28.29
C SER B 97 8.63 -1.17 28.44
N ALA B 98 7.77 -0.39 29.09
CA ALA B 98 8.06 1.02 29.36
C ALA B 98 9.32 1.18 30.22
N LEU B 99 9.51 0.28 31.18
CA LEU B 99 10.67 0.34 32.05
C LEU B 99 11.96 0.08 31.27
N ILE B 100 11.87 -0.74 30.23
CA ILE B 100 13.02 -0.99 29.38
C ILE B 100 13.46 0.30 28.70
N MET B 101 12.50 1.00 28.09
CA MET B 101 12.79 2.29 27.47
C MET B 101 13.30 3.29 28.51
N LEU B 102 12.64 3.34 29.67
CA LEU B 102 12.99 4.31 30.71
C LEU B 102 14.43 4.14 31.20
N HIS B 103 14.87 2.91 31.43
CA HIS B 103 16.23 2.69 31.91
C HIS B 103 17.26 3.12 30.87
N GLU B 104 17.05 2.71 29.62
CA GLU B 104 18.04 2.96 28.59
C GLU B 104 18.05 4.44 28.16
N VAL B 105 16.88 5.05 28.08
CA VAL B 105 16.84 6.47 27.72
C VAL B 105 17.40 7.34 28.86
N THR B 106 17.05 7.03 30.11
CA THR B 106 17.56 7.83 31.23
C THR B 106 19.07 7.64 31.44
N LYS B 107 19.59 6.46 31.09
CA LYS B 107 21.04 6.27 31.05
C LYS B 107 21.65 7.16 29.96
N LEU B 108 21.01 7.19 28.78
CA LEU B 108 21.46 8.02 27.67
C LEU B 108 21.58 9.47 28.10
N LEU B 109 20.53 9.98 28.77
CA LEU B 109 20.52 11.36 29.26
C LEU B 109 21.64 11.59 30.27
N HIS B 110 21.92 10.59 31.08
CA HIS B 110 22.98 10.69 32.08
C HIS B 110 24.34 10.86 31.41
N TYR B 111 24.62 9.98 30.45
CA TYR B 111 25.87 10.05 29.68
C TYR B 111 25.99 11.37 28.94
N ALA B 112 24.87 11.88 28.44
CA ALA B 112 24.87 13.12 27.67
C ALA B 112 24.92 14.37 28.54
N GLY B 113 24.82 14.20 29.86
CA GLY B 113 24.87 15.33 30.77
C GLY B 113 23.58 16.12 30.88
N CYS B 114 22.49 15.57 30.36
CA CYS B 114 21.18 16.22 30.43
C CYS B 114 20.59 16.17 31.83
N LYS B 115 20.07 17.30 32.30
CA LYS B 115 19.49 17.37 33.64
C LYS B 115 18.08 17.91 33.60
N ASP B 116 17.22 17.36 34.45
CA ASP B 116 15.86 17.89 34.61
C ASP B 116 15.13 17.94 33.27
N VAL B 117 15.07 16.78 32.63
CA VAL B 117 14.41 16.64 31.34
C VAL B 117 12.94 16.33 31.60
N LEU B 118 12.05 16.73 30.70
CA LEU B 118 10.64 16.40 30.83
C LEU B 118 10.24 15.27 29.88
N PHE B 119 9.82 14.15 30.44
CA PHE B 119 9.26 13.06 29.68
C PHE B 119 7.78 13.30 29.44
N ILE B 120 7.35 13.15 28.21
CA ILE B 120 5.95 13.31 27.86
C ILE B 120 5.43 12.06 27.17
N ARG B 121 4.57 11.32 27.85
CA ARG B 121 3.90 10.20 27.21
C ARG B 121 2.67 10.70 26.44
N LEU B 122 2.66 10.40 25.16
CA LEU B 122 1.54 10.73 24.29
C LEU B 122 0.76 9.47 23.93
N GLY B 123 -0.20 9.07 24.76
CA GLY B 123 -0.83 7.77 24.58
C GLY B 123 -2.28 7.76 24.17
N THR B 124 -2.84 6.56 24.12
CA THR B 124 -4.27 6.36 23.96
C THR B 124 -4.74 5.63 25.21
N SER B 125 -6.02 5.70 25.50
CA SER B 125 -6.52 5.26 26.78
C SER B 125 -8.01 5.01 26.72
N GLY B 126 -8.54 4.31 27.72
CA GLY B 126 -9.98 4.18 27.84
C GLY B 126 -10.46 5.31 28.72
N GLY B 127 -11.56 5.96 28.33
CA GLY B 127 -12.07 7.07 29.10
C GLY B 127 -13.15 6.65 30.10
N LEU B 128 -13.26 7.42 31.19
CA LEU B 128 -14.34 7.20 32.15
C LEU B 128 -15.22 8.44 32.21
N GLY B 129 -16.41 8.36 31.63
CA GLY B 129 -17.37 9.45 31.70
C GLY B 129 -17.00 10.68 30.89
N VAL B 130 -16.11 10.51 29.93
CA VAL B 130 -15.82 11.57 28.95
C VAL B 130 -16.02 10.99 27.55
N LYS B 131 -16.24 11.87 26.57
CA LYS B 131 -16.49 11.42 25.21
C LYS B 131 -15.22 10.92 24.54
N PRO B 132 -15.37 9.94 23.63
CA PRO B 132 -14.19 9.46 22.89
C PRO B 132 -13.54 10.60 22.10
N GLY B 133 -12.21 10.63 22.09
CA GLY B 133 -11.48 11.72 21.46
C GLY B 133 -11.09 12.82 22.43
N THR B 134 -11.45 12.64 23.70
CA THR B 134 -11.08 13.59 24.76
C THR B 134 -9.61 13.42 25.15
N ILE B 135 -8.90 14.54 25.31
CA ILE B 135 -7.54 14.50 25.84
C ILE B 135 -7.57 14.60 27.36
N VAL B 136 -7.00 13.61 28.04
CA VAL B 136 -6.90 13.68 29.49
C VAL B 136 -5.46 13.96 29.92
N LEU B 137 -5.28 15.04 30.68
CA LEU B 137 -4.00 15.34 31.29
C LEU B 137 -4.00 14.75 32.69
N SER B 138 -3.19 13.72 32.92
CA SER B 138 -3.14 13.09 34.22
C SER B 138 -2.64 14.06 35.27
N ASP B 139 -3.37 14.19 36.37
CA ASP B 139 -2.83 14.95 37.50
C ASP B 139 -2.42 13.97 38.59
N ARG B 140 -2.64 12.69 38.34
CA ARG B 140 -2.02 11.63 39.13
C ARG B 140 -2.08 10.29 38.38
N CYS B 141 -1.11 9.43 38.65
CA CYS B 141 -1.04 8.10 38.06
C CYS B 141 -1.04 7.04 39.15
N VAL B 142 -2.05 6.18 39.12
CA VAL B 142 -2.25 5.20 40.18
C VAL B 142 -2.48 3.80 39.62
N ASN B 143 -2.29 2.78 40.45
CA ASN B 143 -2.59 1.42 40.03
C ASN B 143 -4.08 1.15 40.10
N THR B 144 -4.48 -0.08 39.82
CA THR B 144 -5.88 -0.46 39.77
C THR B 144 -6.55 -0.42 41.16
N LYS B 145 -5.74 -0.22 42.20
CA LYS B 145 -6.28 -0.04 43.55
C LYS B 145 -6.22 1.44 43.93
N LEU B 146 -6.00 2.30 42.93
CA LEU B 146 -5.97 3.75 43.10
C LEU B 146 -4.84 4.21 44.00
N GLU B 147 -3.79 3.41 44.10
CA GLU B 147 -2.61 3.77 44.88
C GLU B 147 -1.58 4.46 44.00
N PRO B 148 -1.07 5.62 44.43
CA PRO B 148 -0.11 6.40 43.64
C PRO B 148 1.31 5.84 43.71
N TYR B 149 1.46 4.57 43.34
CA TYR B 149 2.73 3.89 43.40
C TYR B 149 2.90 2.95 42.23
N ASN B 150 4.14 2.77 41.79
CA ASN B 150 4.49 1.68 40.90
C ASN B 150 5.09 0.56 41.75
N GLU B 151 4.63 -0.67 41.52
CA GLU B 151 5.11 -1.80 42.31
C GLU B 151 6.16 -2.59 41.56
N LEU B 152 7.21 -2.99 42.27
CA LEU B 152 8.28 -3.78 41.69
C LEU B 152 8.68 -4.90 42.64
N CYS B 153 9.19 -5.99 42.07
CA CYS B 153 9.73 -7.09 42.84
C CYS B 153 11.21 -7.24 42.50
N ILE B 154 12.07 -6.75 43.40
CA ILE B 154 13.49 -6.64 43.13
C ILE B 154 14.29 -7.59 44.02
N LEU B 155 15.03 -8.50 43.38
CA LEU B 155 15.68 -9.63 44.06
C LEU B 155 14.66 -10.41 44.87
N GLY B 156 13.44 -10.49 44.36
CA GLY B 156 12.38 -11.25 45.01
C GLY B 156 11.72 -10.53 46.17
N LYS B 157 12.13 -9.28 46.40
CA LYS B 157 11.59 -8.48 47.50
C LYS B 157 10.71 -7.35 46.98
N PRO B 158 9.55 -7.12 47.63
CA PRO B 158 8.61 -6.10 47.14
C PRO B 158 9.10 -4.67 47.34
N VAL B 159 9.00 -3.87 46.28
CA VAL B 159 9.42 -2.48 46.31
C VAL B 159 8.30 -1.59 45.76
N ARG B 160 8.10 -0.44 46.39
CA ARG B 160 7.13 0.53 45.88
C ARG B 160 7.80 1.87 45.61
N ARG B 161 7.39 2.51 44.51
CA ARG B 161 7.95 3.81 44.13
C ARG B 161 6.84 4.80 43.83
N GLN B 162 6.84 5.92 44.57
CA GLN B 162 5.82 6.95 44.44
C GLN B 162 5.72 7.51 43.02
N THR B 163 4.50 7.76 42.56
CA THR B 163 4.31 8.40 41.27
C THR B 163 4.22 9.91 41.44
N ILE B 164 4.97 10.65 40.63
CA ILE B 164 4.94 12.10 40.71
C ILE B 164 4.75 12.72 39.32
N VAL B 165 3.57 13.31 39.12
CA VAL B 165 3.27 14.03 37.88
C VAL B 165 3.75 15.48 37.97
N ASP B 166 4.39 15.98 36.93
CA ASP B 166 4.81 17.38 36.91
C ASP B 166 3.58 18.27 36.75
N LEU B 167 3.02 18.73 37.77
CA LEU B 167 1.73 19.41 37.78
C LEU B 167 1.80 20.85 37.26
N ASN B 168 2.93 21.41 37.49
CA ASN B 168 3.14 22.74 36.93
C ASN B 168 3.00 22.71 35.41
N THR B 169 3.59 21.72 34.78
CA THR B 169 3.49 21.58 33.33
C THR B 169 2.06 21.22 32.94
N VAL B 170 1.41 20.34 33.71
CA VAL B 170 0.01 19.99 33.45
C VAL B 170 -0.87 21.23 33.42
N ASN B 171 -0.73 22.07 34.44
CA ASN B 171 -1.51 23.30 34.52
C ASN B 171 -1.25 24.23 33.34
N GLU B 172 0.02 24.33 32.94
CA GLU B 172 0.40 25.12 31.77
C GLU B 172 -0.26 24.59 30.49
N LEU B 173 -0.29 23.27 30.35
CA LEU B 173 -0.92 22.63 29.20
C LEU B 173 -2.41 22.88 29.15
N LYS B 174 -3.06 22.73 30.30
CA LYS B 174 -4.50 22.99 30.42
C LYS B 174 -4.83 24.42 30.01
N LYS B 175 -4.06 25.38 30.53
CA LYS B 175 -4.27 26.79 30.19
C LYS B 175 -4.05 27.02 28.70
N LEU B 176 -3.01 26.41 28.16
CA LEU B 176 -2.69 26.55 26.75
C LEU B 176 -3.81 26.05 25.85
N SER B 177 -4.40 24.91 26.21
CA SER B 177 -5.44 24.27 25.41
C SER B 177 -6.66 25.16 25.23
N GLU B 178 -6.93 26.00 26.23
CA GLU B 178 -8.06 26.92 26.17
C GLU B 178 -7.85 27.97 25.07
N ASN B 179 -6.59 28.31 24.81
CA ASN B 179 -6.26 29.31 23.82
C ASN B 179 -6.08 28.73 22.42
N LEU B 180 -6.21 27.42 22.31
CA LEU B 180 -6.08 26.75 21.02
C LEU B 180 -7.45 26.38 20.46
N SER B 181 -7.47 25.87 19.24
CA SER B 181 -8.72 25.49 18.60
C SER B 181 -8.76 24.00 18.32
N LEU B 182 -8.83 23.21 19.39
CA LEU B 182 -8.90 21.76 19.29
C LEU B 182 -10.34 21.32 19.12
N GLU B 183 -10.55 20.24 18.38
CA GLU B 183 -11.89 19.73 18.14
C GLU B 183 -12.33 18.81 19.29
N CYS B 184 -11.68 18.96 20.43
CA CYS B 184 -11.93 18.10 21.56
C CYS B 184 -11.88 18.85 22.88
N SER B 185 -12.43 18.24 23.93
CA SER B 185 -12.30 18.77 25.28
C SER B 185 -10.98 18.30 25.88
N VAL B 186 -10.41 19.12 26.74
CA VAL B 186 -9.21 18.74 27.48
C VAL B 186 -9.55 18.70 28.96
N VAL B 187 -9.32 17.55 29.57
CA VAL B 187 -9.70 17.32 30.96
C VAL B 187 -8.51 16.95 31.80
N VAL B 188 -8.36 17.62 32.95
CA VAL B 188 -7.37 17.22 33.93
C VAL B 188 -8.01 16.23 34.90
N GLY B 189 -7.41 15.06 35.05
CA GLY B 189 -8.00 14.03 35.90
C GLY B 189 -7.04 12.89 36.21
N GLY B 190 -7.48 11.94 37.02
CA GLY B 190 -6.63 10.84 37.41
C GLY B 190 -6.54 9.74 36.35
N THR B 191 -5.41 9.05 36.32
CA THR B 191 -5.21 7.97 35.35
C THR B 191 -4.78 6.66 36.00
N ILE B 192 -5.57 5.61 35.75
CA ILE B 192 -5.22 4.26 36.18
C ILE B 192 -4.28 3.57 35.19
N ALA B 193 -3.22 2.96 35.72
CA ALA B 193 -2.37 2.10 34.92
C ALA B 193 -2.63 0.63 35.25
N ALA B 194 -2.92 -0.18 34.24
CA ALA B 194 -3.23 -1.58 34.47
C ALA B 194 -2.24 -2.48 33.76
N ASN B 195 -2.11 -3.72 34.25
CA ASN B 195 -1.13 -4.66 33.70
C ASN B 195 -1.73 -5.58 32.67
N ASP B 196 -2.77 -5.08 32.00
CA ASP B 196 -3.50 -5.83 30.99
C ASP B 196 -4.47 -4.86 30.31
N PHE B 197 -4.89 -5.19 29.10
CA PHE B 197 -5.86 -4.39 28.37
C PHE B 197 -7.29 -4.83 28.71
N TYR B 198 -7.45 -6.10 29.06
CA TYR B 198 -8.79 -6.65 29.23
C TYR B 198 -9.25 -6.82 30.68
N GLU B 199 -8.89 -7.90 31.33
CA GLU B 199 -9.45 -8.21 32.64
C GLU B 199 -9.11 -7.17 33.70
N GLU B 200 -7.85 -6.69 33.71
CA GLU B 200 -7.45 -5.71 34.71
C GLU B 200 -8.10 -4.35 34.47
N GLN B 201 -8.57 -4.11 33.25
CA GLN B 201 -9.23 -2.85 32.96
C GLN B 201 -10.74 -2.97 33.09
N GLY B 202 -11.20 -4.12 33.61
CA GLY B 202 -12.62 -4.34 33.83
C GLY B 202 -13.42 -4.60 32.56
N ARG B 203 -12.73 -5.04 31.51
CA ARG B 203 -13.40 -5.37 30.25
C ARG B 203 -14.15 -6.69 30.33
N LEU B 204 -15.34 -6.71 29.73
CA LEU B 204 -16.17 -7.90 29.72
C LEU B 204 -15.87 -8.78 28.51
N ASP B 205 -15.02 -8.28 27.62
CA ASP B 205 -14.90 -8.87 26.29
C ASP B 205 -13.54 -9.50 25.97
N GLY B 206 -12.80 -9.91 27.02
CA GLY B 206 -11.57 -10.65 26.83
C GLY B 206 -11.84 -12.14 26.60
N SER B 207 -10.79 -12.95 26.58
CA SER B 207 -10.96 -14.39 26.38
C SER B 207 -11.38 -15.06 27.68
N ILE B 208 -11.20 -14.33 28.79
CA ILE B 208 -11.62 -14.77 30.10
C ILE B 208 -12.31 -13.59 30.81
N CYS B 209 -13.42 -13.85 31.48
CA CYS B 209 -14.06 -12.82 32.31
C CYS B 209 -14.73 -13.49 33.51
N THR B 210 -14.37 -13.03 34.71
CA THR B 210 -14.83 -13.67 35.94
C THR B 210 -15.83 -12.80 36.68
N PHE B 211 -16.29 -11.73 36.02
CA PHE B 211 -17.20 -10.81 36.68
C PHE B 211 -18.36 -10.39 35.79
N SER B 212 -19.32 -9.70 36.39
CA SER B 212 -20.53 -9.27 35.70
C SER B 212 -20.40 -7.84 35.21
N LYS B 213 -21.33 -7.43 34.35
CA LYS B 213 -21.40 -6.04 33.92
C LYS B 213 -21.56 -5.12 35.12
N GLU B 214 -22.41 -5.53 36.06
CA GLU B 214 -22.68 -4.72 37.24
C GLU B 214 -21.44 -4.58 38.10
N GLU B 215 -20.64 -5.63 38.19
CA GLU B 215 -19.39 -5.55 38.93
C GLU B 215 -18.37 -4.68 38.20
N LYS B 216 -18.36 -4.73 36.87
CA LYS B 216 -17.51 -3.83 36.09
C LYS B 216 -17.86 -2.37 36.38
N LEU B 217 -19.14 -2.06 36.30
CA LEU B 217 -19.59 -0.67 36.44
C LEU B 217 -19.42 -0.14 37.87
N ALA B 218 -19.61 -1.00 38.86
CA ALA B 218 -19.39 -0.57 40.25
C ALA B 218 -17.92 -0.19 40.45
N PHE B 219 -17.03 -0.97 39.84
CA PHE B 219 -15.60 -0.73 39.95
C PHE B 219 -15.16 0.57 39.26
N LEU B 220 -15.67 0.80 38.04
CA LEU B 220 -15.27 1.97 37.27
C LEU B 220 -15.96 3.25 37.74
N GLN B 221 -17.23 3.16 38.13
CA GLN B 221 -17.93 4.34 38.64
C GLN B 221 -17.28 4.83 39.92
N SER B 222 -16.83 3.90 40.76
CA SER B 222 -16.10 4.24 41.98
C SER B 222 -14.80 4.98 41.64
N ALA B 223 -14.06 4.46 40.67
CA ALA B 223 -12.85 5.12 40.22
C ALA B 223 -13.18 6.52 39.71
N TYR B 224 -14.25 6.64 38.92
CA TYR B 224 -14.71 7.93 38.44
C TYR B 224 -14.94 8.89 39.59
N GLU B 225 -15.64 8.41 40.63
CA GLU B 225 -15.92 9.22 41.81
C GLU B 225 -14.65 9.63 42.54
N HIS B 226 -13.59 8.84 42.40
CA HIS B 226 -12.30 9.21 42.97
C HIS B 226 -11.48 10.05 41.97
N GLY B 227 -12.13 10.56 40.95
CA GLY B 227 -11.52 11.50 40.03
C GLY B 227 -10.78 10.92 38.82
N ILE B 228 -10.81 9.59 38.67
CA ILE B 228 -10.18 8.96 37.52
C ILE B 228 -10.97 9.30 36.26
N ARG B 229 -10.27 9.71 35.20
CA ARG B 229 -10.95 10.05 33.96
C ARG B 229 -10.48 9.20 32.78
N ASN B 230 -9.35 8.51 32.93
CA ASN B 230 -8.96 7.54 31.91
C ASN B 230 -8.10 6.40 32.45
N MET B 231 -7.75 5.47 31.56
CA MET B 231 -7.11 4.23 31.97
C MET B 231 -6.19 3.72 30.87
N GLU B 232 -4.94 3.46 31.21
CA GLU B 232 -3.99 2.92 30.25
C GLU B 232 -3.07 1.93 30.95
N MET B 233 -1.85 1.78 30.47
CA MET B 233 -1.03 0.65 30.93
C MET B 233 0.39 0.94 31.38
N GLU B 234 0.82 2.20 31.40
CA GLU B 234 2.21 2.52 31.74
C GLU B 234 2.45 3.73 32.65
N GLY B 235 1.40 4.48 32.95
CA GLY B 235 1.54 5.73 33.69
C GLY B 235 2.35 5.69 34.97
N THR B 236 2.16 4.65 35.77
CA THR B 236 2.83 4.56 37.06
C THR B 236 4.33 4.29 36.92
N ALA B 237 4.74 3.63 35.84
CA ALA B 237 6.16 3.41 35.58
C ALA B 237 6.85 4.71 35.19
N ILE B 238 6.24 5.44 34.27
CA ILE B 238 6.87 6.64 33.75
C ILE B 238 6.97 7.73 34.83
N THR B 239 5.93 7.86 35.64
CA THR B 239 5.87 8.94 36.62
C THR B 239 6.55 8.60 37.95
N SER B 240 6.96 7.34 38.12
CA SER B 240 7.74 6.98 39.30
C SER B 240 9.22 6.92 38.95
N HIS B 241 9.52 6.47 37.73
CA HIS B 241 10.91 6.29 37.30
C HIS B 241 11.62 7.62 37.05
N CYS B 242 10.94 8.54 36.37
CA CYS B 242 11.56 9.80 35.97
C CYS B 242 11.96 10.63 37.18
N TYR B 243 11.02 10.78 38.12
CA TYR B 243 11.27 11.48 39.37
C TYR B 243 12.51 10.94 40.10
N LEU B 244 12.62 9.62 40.15
CA LEU B 244 13.70 8.99 40.90
C LEU B 244 15.05 9.12 40.18
N THR B 245 15.02 9.41 38.89
CA THR B 245 16.26 9.63 38.14
C THR B 245 16.54 11.10 37.86
N GLY B 246 15.83 11.99 38.55
CA GLY B 246 16.12 13.42 38.48
C GLY B 246 15.38 14.18 37.40
N HIS B 247 14.33 13.57 36.85
CA HIS B 247 13.60 14.19 35.75
C HIS B 247 12.13 14.40 36.09
N ARG B 248 11.37 14.91 35.12
CA ARG B 248 9.95 15.18 35.30
C ARG B 248 9.15 14.40 34.26
N ALA B 249 7.86 14.20 34.53
CA ALA B 249 7.05 13.41 33.62
C ALA B 249 5.59 13.83 33.66
N ILE B 250 4.95 13.80 32.49
CA ILE B 250 3.52 14.02 32.38
C ILE B 250 2.90 12.99 31.45
N LEU B 251 1.59 12.78 31.58
CA LEU B 251 0.87 11.93 30.65
C LEU B 251 -0.20 12.73 29.90
N VAL B 252 -0.17 12.64 28.58
CA VAL B 252 -1.15 13.33 27.74
C VAL B 252 -1.79 12.31 26.81
N CYS B 253 -2.94 11.78 27.23
CA CYS B 253 -3.56 10.67 26.53
C CYS B 253 -4.94 11.01 26.01
N VAL B 254 -5.22 10.62 24.77
CA VAL B 254 -6.56 10.72 24.19
C VAL B 254 -7.34 9.47 24.62
N THR B 255 -8.66 9.58 24.70
CA THR B 255 -9.47 8.39 24.98
C THR B 255 -10.08 7.84 23.68
N ALA B 256 -10.16 6.51 23.57
CA ALA B 256 -10.66 5.87 22.37
C ALA B 256 -12.03 5.23 22.56
N VAL B 257 -12.54 5.31 23.77
CA VAL B 257 -13.83 4.71 24.12
C VAL B 257 -14.26 5.25 25.48
N ASN B 258 -15.57 5.32 25.73
CA ASN B 258 -16.07 5.59 27.08
C ASN B 258 -16.37 4.25 27.76
N ARG B 259 -15.53 3.88 28.72
CA ARG B 259 -15.62 2.58 29.34
C ARG B 259 -16.87 2.41 30.21
N LEU B 260 -17.50 3.51 30.60
CA LEU B 260 -18.77 3.42 31.30
C LEU B 260 -19.87 2.97 30.33
N GLU B 261 -19.60 3.05 29.04
CA GLU B 261 -20.59 2.71 28.03
C GLU B 261 -20.29 1.40 27.31
N GLY B 262 -19.05 0.93 27.38
CA GLY B 262 -18.66 -0.27 26.66
C GLY B 262 -17.18 -0.55 26.70
N ASP B 263 -16.76 -1.61 26.01
CA ASP B 263 -15.37 -2.07 26.07
C ASP B 263 -14.70 -2.05 24.70
N GLN B 264 -15.43 -2.51 23.70
CA GLN B 264 -14.94 -2.58 22.33
C GLN B 264 -14.50 -1.21 21.81
N ILE B 265 -13.39 -1.17 21.08
CA ILE B 265 -13.01 0.03 20.37
C ILE B 265 -13.71 0.01 19.01
N THR B 266 -14.82 0.71 18.91
CA THR B 266 -15.66 0.61 17.73
C THR B 266 -15.46 1.75 16.73
N ILE B 267 -14.65 2.74 17.08
CA ILE B 267 -14.39 3.80 16.14
C ILE B 267 -13.54 3.24 15.03
N SER B 268 -13.63 3.86 13.86
CA SER B 268 -12.88 3.36 12.71
C SER B 268 -11.39 3.54 12.93
N THR B 269 -10.60 2.81 12.15
CA THR B 269 -9.17 2.94 12.16
C THR B 269 -8.76 4.37 11.81
N ASP B 270 -9.47 4.97 10.86
CA ASP B 270 -9.20 6.36 10.50
C ASP B 270 -9.48 7.32 11.66
N GLU B 271 -10.59 7.14 12.37
CA GLU B 271 -10.90 8.04 13.48
C GLU B 271 -9.94 7.84 14.64
N PHE B 272 -9.65 6.58 14.97
CA PHE B 272 -8.65 6.28 16.00
C PHE B 272 -7.34 7.02 15.69
N THR B 273 -6.90 6.96 14.44
CA THR B 273 -5.66 7.62 14.05
C THR B 273 -5.75 9.14 14.25
N LEU B 274 -6.87 9.73 13.85
CA LEU B 274 -7.11 11.15 14.09
C LEU B 274 -7.06 11.47 15.58
N PHE B 275 -7.79 10.68 16.37
CA PHE B 275 -7.81 10.84 17.83
C PHE B 275 -6.40 10.76 18.43
N ALA B 276 -5.66 9.73 18.04
CA ALA B 276 -4.32 9.47 18.59
C ALA B 276 -3.33 10.60 18.29
N GLN B 277 -3.67 11.47 17.33
CA GLN B 277 -2.80 12.58 16.98
C GLN B 277 -3.08 13.84 17.81
N ARG B 278 -4.23 13.87 18.49
CA ARG B 278 -4.62 15.05 19.28
C ARG B 278 -3.65 15.38 20.44
N PRO B 279 -3.10 14.37 21.14
CA PRO B 279 -2.11 14.74 22.17
C PRO B 279 -0.90 15.49 21.59
N GLY B 280 -0.41 15.04 20.45
CA GLY B 280 0.71 15.68 19.80
C GLY B 280 0.39 17.09 19.34
N GLN B 281 -0.87 17.33 18.96
CA GLN B 281 -1.28 18.65 18.52
C GLN B 281 -1.16 19.67 19.65
N LEU B 282 -1.58 19.29 20.85
CA LEU B 282 -1.47 20.17 22.00
C LEU B 282 -0.02 20.28 22.47
N VAL B 283 0.65 19.14 22.59
CA VAL B 283 2.00 19.10 23.14
C VAL B 283 2.98 19.81 22.20
N GLY B 284 2.78 19.67 20.89
CA GLY B 284 3.59 20.38 19.92
C GLY B 284 3.51 21.89 20.05
N GLU B 285 2.32 22.41 20.33
CA GLU B 285 2.16 23.85 20.55
C GLU B 285 2.93 24.26 21.79
N TYR B 286 2.92 23.39 22.79
CA TYR B 286 3.62 23.64 24.03
C TYR B 286 5.14 23.64 23.86
N LEU B 287 5.62 22.65 23.10
CA LEU B 287 7.05 22.53 22.83
C LEU B 287 7.54 23.69 21.97
N LYS B 288 6.69 24.16 21.06
CA LYS B 288 7.03 25.27 20.17
C LYS B 288 7.20 26.57 20.94
N ARG B 289 6.39 26.76 21.97
CA ARG B 289 6.45 27.97 22.77
C ARG B 289 7.61 27.94 23.74
N ASN B 290 7.95 26.76 24.24
CA ASN B 290 8.91 26.66 25.33
C ASN B 290 10.21 25.93 25.02
N ASN B 291 10.82 26.31 23.90
CA ASN B 291 12.19 25.95 23.53
C ASN B 291 12.41 24.46 23.27
N GLY B 292 11.35 23.75 22.88
CA GLY B 292 11.50 22.40 22.39
C GLY B 292 12.25 22.40 21.07
N ILE B 293 11.88 23.32 20.19
CA ILE B 293 12.49 23.42 18.87
C ILE B 293 13.03 24.82 18.60
N ILE B 294 13.84 24.93 17.55
CA ILE B 294 14.23 26.23 17.03
C ILE B 294 13.40 26.50 15.78
N VAL B 295 12.66 27.60 15.78
CA VAL B 295 11.77 27.92 14.66
C VAL B 295 12.54 28.46 13.46
N ILE C 7 2.02 30.33 -29.84
CA ILE C 7 3.01 29.57 -30.59
C ILE C 7 2.35 28.59 -31.56
N VAL C 8 2.51 28.84 -32.86
CA VAL C 8 1.97 27.96 -33.89
C VAL C 8 3.11 27.24 -34.61
N ASN C 9 2.91 25.94 -34.84
CA ASN C 9 3.86 25.15 -35.59
C ASN C 9 4.02 25.70 -37.00
N SER C 10 5.18 26.27 -37.29
CA SER C 10 5.43 26.94 -38.56
C SER C 10 5.46 25.97 -39.74
N HIS C 11 5.66 24.69 -39.45
CA HIS C 11 5.73 23.68 -40.49
C HIS C 11 4.37 23.42 -41.15
N LEU C 12 3.29 23.85 -40.50
CA LEU C 12 1.95 23.48 -40.95
C LEU C 12 1.53 24.11 -42.28
N SER C 13 1.88 25.38 -42.49
CA SER C 13 1.49 26.07 -43.73
C SER C 13 2.19 25.49 -44.94
N GLU C 14 3.28 24.75 -44.72
CA GLU C 14 3.99 24.07 -45.79
C GLU C 14 3.17 22.94 -46.41
N LEU C 15 2.15 22.49 -45.69
CA LEU C 15 1.25 21.45 -46.17
C LEU C 15 0.18 22.04 -47.08
N ASP C 16 -0.01 21.43 -48.24
CA ASP C 16 -1.06 21.84 -49.16
C ASP C 16 -2.40 21.36 -48.63
N GLU C 17 -2.35 20.24 -47.92
CA GLU C 17 -3.51 19.66 -47.28
C GLU C 17 -3.05 19.00 -45.99
N ASP C 18 -3.80 19.20 -44.90
CA ASP C 18 -3.44 18.58 -43.63
C ASP C 18 -4.43 17.49 -43.28
N VAL C 19 -3.94 16.26 -43.19
CA VAL C 19 -4.79 15.12 -42.93
C VAL C 19 -4.84 14.83 -41.44
N PHE C 20 -6.05 14.90 -40.86
CA PHE C 20 -6.23 14.54 -39.46
C PHE C 20 -6.46 13.03 -39.41
N HIS C 21 -5.37 12.27 -39.40
CA HIS C 21 -5.44 10.81 -39.56
C HIS C 21 -6.43 10.12 -38.63
N HIS C 22 -6.44 10.52 -37.36
CA HIS C 22 -7.22 9.78 -36.37
C HIS C 22 -8.67 10.24 -36.26
N PHE C 23 -9.02 11.33 -36.95
CA PHE C 23 -10.41 11.74 -37.06
C PHE C 23 -10.97 11.49 -38.45
N GLY C 24 -10.12 11.03 -39.36
CA GLY C 24 -10.56 10.65 -40.69
C GLY C 24 -11.14 11.76 -41.55
N PHE C 25 -10.61 12.97 -41.43
CA PHE C 25 -10.87 14.02 -42.41
C PHE C 25 -9.63 14.87 -42.61
N THR C 26 -9.72 15.84 -43.53
CA THR C 26 -8.61 16.73 -43.84
C THR C 26 -9.07 18.18 -43.85
N THR C 27 -8.13 19.10 -44.07
CA THR C 27 -8.45 20.51 -44.15
C THR C 27 -9.28 20.83 -45.39
N LYS C 28 -9.30 19.91 -46.35
CA LYS C 28 -10.13 20.09 -47.54
C LYS C 28 -11.53 19.51 -47.34
N SER C 29 -11.78 18.89 -46.20
CA SER C 29 -13.07 18.25 -45.94
C SER C 29 -14.15 19.28 -45.59
N PHE C 30 -13.77 20.32 -44.85
CA PHE C 30 -14.70 21.36 -44.46
C PHE C 30 -14.11 22.74 -44.70
N ASP C 31 -14.95 23.76 -44.54
CA ASP C 31 -14.49 25.13 -44.37
C ASP C 31 -14.33 25.31 -42.86
N PHE C 32 -13.10 25.19 -42.37
CA PHE C 32 -12.83 25.07 -40.93
C PHE C 32 -13.20 26.33 -40.15
N LYS C 33 -12.84 27.48 -40.70
CA LYS C 33 -13.31 28.74 -40.12
C LYS C 33 -14.85 28.76 -40.10
N GLU C 34 -15.50 28.43 -41.19
CA GLU C 34 -16.97 28.48 -41.16
C GLU C 34 -17.61 27.45 -40.19
N LYS C 35 -17.07 26.24 -40.20
CA LYS C 35 -17.69 25.16 -39.47
C LYS C 35 -17.34 25.19 -38.00
N PHE C 36 -16.09 25.53 -37.68
CA PHE C 36 -15.61 25.40 -36.31
C PHE C 36 -15.30 26.74 -35.64
N GLY C 37 -15.40 27.85 -36.37
CA GLY C 37 -14.96 29.14 -35.89
C GLY C 37 -15.54 29.63 -34.58
N ASP C 38 -16.76 29.18 -34.26
CA ASP C 38 -17.46 29.63 -33.06
C ASP C 38 -17.22 28.75 -31.84
N VAL C 39 -16.40 27.72 -31.98
CA VAL C 39 -16.10 26.84 -30.85
C VAL C 39 -15.35 27.58 -29.75
N LYS C 40 -15.78 27.38 -28.51
CA LYS C 40 -15.12 27.97 -27.35
C LYS C 40 -14.90 26.94 -26.25
N PHE C 41 -15.45 25.75 -26.46
CA PHE C 41 -15.32 24.65 -25.50
C PHE C 41 -15.07 23.32 -26.21
N VAL C 42 -14.18 22.52 -25.65
CA VAL C 42 -14.01 21.14 -26.11
C VAL C 42 -14.15 20.20 -24.92
N CYS C 43 -15.19 19.36 -24.93
CA CYS C 43 -15.42 18.39 -23.88
C CYS C 43 -14.93 17.02 -24.33
N VAL C 44 -14.18 16.35 -23.47
CA VAL C 44 -13.59 15.07 -23.87
C VAL C 44 -13.63 14.05 -22.75
N CYS C 45 -13.61 12.78 -23.12
CA CYS C 45 -13.39 11.69 -22.17
C CYS C 45 -12.91 10.45 -22.90
N GLY C 46 -12.69 9.37 -22.16
CA GLY C 46 -12.07 8.18 -22.71
C GLY C 46 -13.02 7.33 -23.51
N SER C 47 -14.32 7.62 -23.41
CA SER C 47 -15.32 6.76 -24.03
C SER C 47 -16.11 7.44 -25.15
N SER C 48 -16.10 6.83 -26.33
CA SER C 48 -16.86 7.35 -27.47
C SER C 48 -18.36 7.36 -27.19
N GLY C 49 -18.86 6.28 -26.62
CA GLY C 49 -20.28 6.19 -26.29
C GLY C 49 -20.71 7.20 -25.24
N ARG C 50 -19.83 7.44 -24.26
N ARG C 50 -19.84 7.42 -24.26
CA ARG C 50 -20.16 8.35 -23.17
CA ARG C 50 -20.13 8.35 -23.17
C ARG C 50 -20.12 9.81 -23.62
C ARG C 50 -20.16 9.79 -23.68
N ILE C 51 -19.14 10.16 -24.46
CA ILE C 51 -19.04 11.53 -24.94
C ILE C 51 -20.17 11.80 -25.95
N HIS C 52 -20.55 10.77 -26.70
CA HIS C 52 -21.66 10.88 -27.64
C HIS C 52 -22.96 11.16 -26.91
N ASN C 53 -23.21 10.43 -25.83
CA ASN C 53 -24.42 10.62 -25.05
C ASN C 53 -24.45 12.00 -24.40
N PHE C 54 -23.29 12.48 -23.99
CA PHE C 54 -23.20 13.80 -23.38
C PHE C 54 -23.49 14.87 -24.43
N ALA C 55 -22.98 14.69 -25.64
CA ALA C 55 -23.30 15.61 -26.73
C ALA C 55 -24.79 15.65 -26.96
N ILE C 56 -25.44 14.48 -26.89
CA ILE C 56 -26.90 14.41 -27.06
C ILE C 56 -27.62 15.19 -25.95
N SER C 57 -27.20 14.99 -24.70
CA SER C 57 -27.83 15.68 -23.58
C SER C 57 -27.66 17.20 -23.68
N MET C 58 -26.54 17.65 -24.24
CA MET C 58 -26.33 19.08 -24.41
C MET C 58 -27.26 19.60 -25.49
N ALA C 59 -27.42 18.82 -26.56
CA ALA C 59 -28.29 19.23 -27.66
C ALA C 59 -29.74 19.35 -27.16
N LYS C 60 -30.13 18.47 -26.25
CA LYS C 60 -31.48 18.52 -25.69
C LYS C 60 -31.63 19.73 -24.76
N LEU C 61 -30.61 20.00 -23.96
CA LEU C 61 -30.58 21.23 -23.16
C LEU C 61 -30.66 22.47 -24.05
N ALA C 62 -30.01 22.39 -25.21
CA ALA C 62 -29.97 23.50 -26.15
C ALA C 62 -31.31 23.70 -26.85
N GLY C 63 -32.24 22.76 -26.66
CA GLY C 63 -33.54 22.85 -27.29
C GLY C 63 -33.41 22.55 -28.77
N LEU C 64 -32.35 21.84 -29.11
CA LEU C 64 -32.16 21.39 -30.49
C LEU C 64 -32.94 20.12 -30.72
N ALA C 65 -33.58 20.05 -31.88
CA ALA C 65 -34.23 18.84 -32.34
C ALA C 65 -33.56 18.45 -33.64
N LEU C 66 -32.27 18.12 -33.55
CA LEU C 66 -31.45 17.85 -34.72
C LEU C 66 -30.49 16.72 -34.45
N PRO C 67 -30.37 15.78 -35.40
CA PRO C 67 -29.41 14.68 -35.27
C PRO C 67 -28.04 15.20 -34.90
N VAL C 68 -27.47 14.62 -33.85
CA VAL C 68 -26.12 14.95 -33.43
C VAL C 68 -25.17 14.01 -34.17
N GLU C 69 -24.60 14.52 -35.26
CA GLU C 69 -23.88 13.71 -36.22
C GLU C 69 -22.39 13.64 -35.91
N ASN C 70 -21.84 12.43 -35.98
CA ASN C 70 -20.40 12.26 -35.88
C ASN C 70 -19.73 12.87 -37.09
N ILE C 71 -18.90 13.88 -36.85
CA ILE C 71 -18.20 14.64 -37.89
C ILE C 71 -17.00 13.85 -38.42
N ALA C 72 -16.47 12.97 -37.58
CA ALA C 72 -15.31 12.15 -37.96
C ALA C 72 -15.68 11.11 -38.99
N GLY C 73 -14.67 10.66 -39.75
CA GLY C 73 -14.88 9.61 -40.74
C GLY C 73 -15.32 8.28 -40.15
N SER C 74 -15.87 7.41 -40.99
CA SER C 74 -16.44 6.14 -40.56
C SER C 74 -15.40 5.19 -39.95
N HIS C 75 -14.19 5.23 -40.46
CA HIS C 75 -13.13 4.32 -40.00
C HIS C 75 -12.14 5.01 -39.07
N ALA C 76 -12.53 6.16 -38.52
CA ALA C 76 -11.64 6.95 -37.69
C ALA C 76 -11.48 6.33 -36.31
N ARG C 77 -10.36 6.60 -35.65
CA ARG C 77 -10.13 6.09 -34.31
C ARG C 77 -11.00 6.82 -33.29
N PHE C 78 -11.27 8.10 -33.55
CA PHE C 78 -11.99 8.95 -32.62
C PHE C 78 -13.32 9.44 -33.20
N VAL C 79 -14.23 9.86 -32.31
CA VAL C 79 -15.47 10.50 -32.72
C VAL C 79 -15.36 12.01 -32.52
N LEU C 80 -16.17 12.77 -33.26
CA LEU C 80 -16.22 14.21 -33.13
C LEU C 80 -17.64 14.72 -33.32
N TYR C 81 -18.17 15.42 -32.33
CA TYR C 81 -19.50 16.03 -32.45
C TYR C 81 -19.41 17.52 -32.19
N LYS C 82 -20.39 18.27 -32.70
CA LYS C 82 -20.47 19.70 -32.40
C LYS C 82 -21.89 20.08 -32.00
N VAL C 83 -22.02 20.78 -30.88
CA VAL C 83 -23.29 21.30 -30.43
C VAL C 83 -23.13 22.77 -30.07
N ASP C 84 -23.68 23.65 -30.91
CA ASP C 84 -23.45 25.09 -30.79
C ASP C 84 -21.95 25.38 -30.64
N HIS C 85 -21.53 25.96 -29.52
CA HIS C 85 -20.12 26.37 -29.40
C HIS C 85 -19.22 25.33 -28.73
N ILE C 86 -19.70 24.09 -28.64
CA ILE C 86 -18.96 23.03 -27.97
C ILE C 86 -18.57 21.91 -28.93
N LEU C 87 -17.30 21.52 -28.92
CA LEU C 87 -16.88 20.31 -29.63
C LEU C 87 -16.80 19.15 -28.66
N PHE C 88 -17.07 17.95 -29.15
CA PHE C 88 -17.01 16.75 -28.32
C PHE C 88 -16.13 15.70 -29.00
N ALA C 89 -15.13 15.20 -28.28
CA ALA C 89 -14.27 14.14 -28.82
C ALA C 89 -13.90 13.13 -27.74
N ASP C 90 -13.61 11.88 -28.15
CA ASP C 90 -13.04 10.92 -27.20
C ASP C 90 -11.54 10.90 -27.38
N HIS C 91 -10.82 10.23 -26.47
CA HIS C 91 -9.37 10.24 -26.51
C HIS C 91 -8.75 8.96 -25.97
N GLY C 92 -9.56 7.92 -25.82
CA GLY C 92 -9.09 6.63 -25.31
C GLY C 92 -8.53 6.72 -23.89
N MET C 93 -7.66 5.79 -23.55
CA MET C 93 -7.06 5.75 -22.22
C MET C 93 -5.55 5.90 -22.29
N GLY C 94 -5.00 6.78 -21.47
CA GLY C 94 -3.56 6.97 -21.44
C GLY C 94 -3.09 8.22 -22.14
N ILE C 95 -1.97 8.75 -21.64
CA ILE C 95 -1.35 9.96 -22.17
C ILE C 95 -1.07 9.90 -23.69
N PRO C 96 -0.45 8.80 -24.20
CA PRO C 96 -0.18 8.80 -25.64
C PRO C 96 -1.43 8.95 -26.50
N SER C 97 -2.51 8.25 -26.14
CA SER C 97 -3.77 8.36 -26.88
C SER C 97 -4.35 9.76 -26.74
N ALA C 98 -4.31 10.30 -25.53
CA ALA C 98 -4.78 11.66 -25.27
C ALA C 98 -4.03 12.68 -26.12
N LEU C 99 -2.72 12.50 -26.24
CA LEU C 99 -1.87 13.42 -27.00
C LEU C 99 -2.21 13.42 -28.49
N ILE C 100 -2.58 12.25 -29.02
CA ILE C 100 -3.03 12.19 -30.40
C ILE C 100 -4.24 13.11 -30.60
N MET C 101 -5.27 12.92 -29.77
CA MET C 101 -6.46 13.77 -29.82
C MET C 101 -6.09 15.24 -29.68
N LEU C 102 -5.24 15.54 -28.71
CA LEU C 102 -4.84 16.92 -28.43
C LEU C 102 -4.16 17.59 -29.62
N HIS C 103 -3.26 16.86 -30.28
CA HIS C 103 -2.56 17.43 -31.44
C HIS C 103 -3.53 17.73 -32.58
N GLU C 104 -4.43 16.80 -32.86
CA GLU C 104 -5.30 16.97 -34.01
C GLU C 104 -6.42 17.97 -33.74
N VAL C 105 -6.99 17.94 -32.54
CA VAL C 105 -8.02 18.92 -32.18
C VAL C 105 -7.46 20.35 -32.10
N THR C 106 -6.31 20.55 -31.47
CA THR C 106 -5.78 21.91 -31.37
C THR C 106 -5.34 22.44 -32.74
N LYS C 107 -4.91 21.55 -33.63
CA LYS C 107 -4.63 21.97 -35.01
C LYS C 107 -5.92 22.39 -35.71
N LEU C 108 -6.99 21.65 -35.49
CA LEU C 108 -8.30 22.00 -36.03
C LEU C 108 -8.71 23.40 -35.54
N LEU C 109 -8.58 23.65 -34.23
CA LEU C 109 -8.93 24.94 -33.64
C LEU C 109 -8.11 26.06 -34.29
N HIS C 110 -6.84 25.77 -34.55
CA HIS C 110 -5.96 26.72 -35.21
C HIS C 110 -6.44 27.08 -36.62
N TYR C 111 -6.77 26.08 -37.42
CA TYR C 111 -7.23 26.36 -38.78
C TYR C 111 -8.56 27.10 -38.75
N ALA C 112 -9.37 26.82 -37.73
CA ALA C 112 -10.66 27.48 -37.58
C ALA C 112 -10.53 28.89 -37.03
N GLY C 113 -9.34 29.23 -36.56
CA GLY C 113 -9.08 30.55 -36.00
C GLY C 113 -9.65 30.70 -34.60
N CYS C 114 -9.81 29.58 -33.89
CA CYS C 114 -10.33 29.61 -32.53
C CYS C 114 -9.23 29.97 -31.53
N LYS C 115 -9.52 30.95 -30.68
CA LYS C 115 -8.56 31.40 -29.67
C LYS C 115 -9.10 31.19 -28.27
N ASP C 116 -8.20 30.84 -27.35
CA ASP C 116 -8.50 30.71 -25.92
C ASP C 116 -9.67 29.79 -25.65
N VAL C 117 -9.62 28.59 -26.20
CA VAL C 117 -10.67 27.60 -26.00
C VAL C 117 -10.45 26.86 -24.67
N LEU C 118 -11.54 26.56 -23.96
CA LEU C 118 -11.48 25.76 -22.75
C LEU C 118 -11.69 24.26 -23.04
N PHE C 119 -10.67 23.47 -22.75
CA PHE C 119 -10.78 22.01 -22.80
C PHE C 119 -11.28 21.51 -21.46
N ILE C 120 -12.25 20.60 -21.50
CA ILE C 120 -12.81 20.00 -20.31
C ILE C 120 -12.79 18.47 -20.39
N ARG C 121 -11.94 17.84 -19.59
CA ARG C 121 -11.93 16.39 -19.53
C ARG C 121 -12.95 15.91 -18.51
N LEU C 122 -13.88 15.08 -18.97
CA LEU C 122 -14.95 14.53 -18.13
C LEU C 122 -14.68 13.06 -17.87
N GLY C 123 -13.88 12.76 -16.86
CA GLY C 123 -13.38 11.40 -16.72
C GLY C 123 -13.89 10.58 -15.55
N THR C 124 -13.33 9.38 -15.43
CA THR C 124 -13.51 8.57 -14.24
C THR C 124 -12.13 8.38 -13.62
N SER C 125 -12.10 8.03 -12.35
CA SER C 125 -10.84 7.99 -11.61
C SER C 125 -10.97 7.15 -10.36
N GLY C 126 -9.84 6.82 -9.75
CA GLY C 126 -9.87 6.21 -8.43
C GLY C 126 -9.83 7.35 -7.44
N GLY C 127 -10.65 7.30 -6.41
CA GLY C 127 -10.63 8.32 -5.37
C GLY C 127 -9.67 7.97 -4.25
N LEU C 128 -9.15 9.00 -3.57
CA LEU C 128 -8.34 8.81 -2.38
C LEU C 128 -9.00 9.52 -1.21
N GLY C 129 -9.65 8.75 -0.33
CA GLY C 129 -10.28 9.31 0.84
C GLY C 129 -11.56 10.08 0.52
N VAL C 130 -12.21 9.74 -0.58
CA VAL C 130 -13.56 10.24 -0.84
C VAL C 130 -14.47 9.10 -1.27
N LYS C 131 -15.75 9.25 -0.95
CA LYS C 131 -16.78 8.28 -1.32
C LYS C 131 -16.88 8.09 -2.83
N PRO C 132 -17.07 6.84 -3.28
CA PRO C 132 -17.32 6.60 -4.70
C PRO C 132 -18.49 7.45 -5.21
N GLY C 133 -18.35 7.96 -6.43
CA GLY C 133 -19.38 8.79 -7.03
C GLY C 133 -19.15 10.27 -6.79
N THR C 134 -18.06 10.58 -6.09
CA THR C 134 -17.66 11.97 -5.85
C THR C 134 -17.10 12.60 -7.11
N ILE C 135 -17.42 13.86 -7.35
CA ILE C 135 -16.77 14.60 -8.42
C ILE C 135 -15.54 15.32 -7.89
N VAL C 136 -14.40 15.08 -8.52
CA VAL C 136 -13.20 15.79 -8.13
C VAL C 136 -12.84 16.82 -9.20
N LEU C 137 -12.73 18.07 -8.77
CA LEU C 137 -12.26 19.16 -9.62
C LEU C 137 -10.77 19.32 -9.37
N SER C 138 -9.96 18.92 -10.34
CA SER C 138 -8.50 18.98 -10.20
C SER C 138 -8.03 20.43 -10.06
N ASP C 139 -7.28 20.72 -9.00
CA ASP C 139 -6.65 22.04 -8.90
C ASP C 139 -5.17 21.96 -9.29
N ARG C 140 -4.71 20.74 -9.55
CA ARG C 140 -3.39 20.51 -10.11
C ARG C 140 -3.33 19.09 -10.63
N CYS C 141 -2.55 18.88 -11.70
CA CYS C 141 -2.35 17.55 -12.27
C CYS C 141 -0.88 17.21 -12.22
N VAL C 142 -0.54 16.12 -11.55
CA VAL C 142 0.85 15.75 -11.31
C VAL C 142 1.11 14.31 -11.74
N ASN C 143 2.37 13.96 -11.90
CA ASN C 143 2.71 12.58 -12.24
C ASN C 143 2.73 11.69 -10.99
N THR C 144 3.16 10.45 -11.15
CA THR C 144 3.21 9.49 -10.04
C THR C 144 4.30 9.83 -9.04
N LYS C 145 5.13 10.82 -9.37
CA LYS C 145 6.11 11.32 -8.43
C LYS C 145 5.64 12.63 -7.81
N LEU C 146 4.39 13.00 -8.12
CA LEU C 146 3.72 14.20 -7.57
C LEU C 146 4.26 15.50 -8.16
N GLU C 147 4.90 15.42 -9.33
CA GLU C 147 5.42 16.61 -9.99
C GLU C 147 4.44 17.14 -11.04
N PRO C 148 4.20 18.46 -11.04
CA PRO C 148 3.27 19.10 -12.00
C PRO C 148 3.87 19.25 -13.39
N TYR C 149 4.24 18.13 -14.00
CA TYR C 149 4.87 18.13 -15.31
C TYR C 149 4.43 16.91 -16.10
N ASN C 150 4.31 17.09 -17.41
CA ASN C 150 4.20 15.96 -18.32
C ASN C 150 5.58 15.67 -18.87
N GLU C 151 6.02 14.41 -18.79
CA GLU C 151 7.31 14.05 -19.34
C GLU C 151 7.15 13.50 -20.75
N LEU C 152 8.07 13.89 -21.63
CA LEU C 152 8.08 13.37 -22.99
C LEU C 152 9.50 13.05 -23.39
N CYS C 153 9.64 12.21 -24.41
CA CYS C 153 10.95 11.90 -24.97
C CYS C 153 10.90 12.27 -26.46
N ILE C 154 11.47 13.43 -26.79
CA ILE C 154 11.36 13.95 -28.15
C ILE C 154 12.70 13.84 -28.87
N LEU C 155 12.69 13.10 -29.98
CA LEU C 155 13.93 12.72 -30.67
C LEU C 155 14.91 12.05 -29.73
N GLY C 156 14.38 11.26 -28.80
CA GLY C 156 15.20 10.53 -27.86
C GLY C 156 15.72 11.38 -26.71
N LYS C 157 15.26 12.63 -26.63
CA LYS C 157 15.73 13.54 -25.59
C LYS C 157 14.62 13.86 -24.59
N PRO C 158 14.96 13.84 -23.29
CA PRO C 158 13.96 14.10 -22.25
C PRO C 158 13.49 15.56 -22.27
N VAL C 159 12.17 15.74 -22.22
CA VAL C 159 11.55 17.05 -22.23
C VAL C 159 10.41 17.03 -21.21
N ARG C 160 10.24 18.13 -20.49
N ARG C 160 10.23 18.11 -20.46
CA ARG C 160 9.19 18.25 -19.47
CA ARG C 160 9.12 18.18 -19.53
C ARG C 160 8.34 19.50 -19.70
C ARG C 160 8.34 19.48 -19.70
N ARG C 161 7.02 19.36 -19.56
CA ARG C 161 6.10 20.49 -19.78
C ARG C 161 5.16 20.65 -18.58
N GLN C 162 5.21 21.82 -17.97
CA GLN C 162 4.45 22.08 -16.75
C GLN C 162 2.95 22.00 -17.00
N THR C 163 2.23 21.47 -16.02
CA THR C 163 0.80 21.38 -16.12
C THR C 163 0.18 22.64 -15.54
N ILE C 164 -0.88 23.13 -16.18
CA ILE C 164 -1.55 24.35 -15.71
C ILE C 164 -3.06 24.15 -15.79
N VAL C 165 -3.71 24.17 -14.63
CA VAL C 165 -5.16 24.05 -14.56
C VAL C 165 -5.79 25.45 -14.51
N ASP C 166 -6.89 25.63 -15.25
CA ASP C 166 -7.64 26.88 -15.23
C ASP C 166 -8.40 27.02 -13.92
N LEU C 167 -7.73 27.52 -12.90
CA LEU C 167 -8.29 27.57 -11.56
C LEU C 167 -9.50 28.52 -11.43
N ASN C 168 -9.54 29.56 -12.26
CA ASN C 168 -10.71 30.44 -12.28
C ASN C 168 -11.98 29.65 -12.61
N THR C 169 -11.90 28.77 -13.61
CA THR C 169 -13.04 27.96 -13.99
C THR C 169 -13.34 26.88 -12.93
N VAL C 170 -12.29 26.33 -12.33
CA VAL C 170 -12.48 25.37 -11.24
C VAL C 170 -13.27 26.03 -10.11
N ASN C 171 -12.90 27.25 -9.76
CA ASN C 171 -13.59 27.97 -8.71
C ASN C 171 -15.03 28.29 -9.11
N GLU C 172 -15.25 28.57 -10.39
CA GLU C 172 -16.60 28.80 -10.90
C GLU C 172 -17.46 27.55 -10.76
N LEU C 173 -16.90 26.40 -11.13
CA LEU C 173 -17.61 25.13 -11.08
C LEU C 173 -17.92 24.72 -9.63
N LYS C 174 -16.99 25.02 -8.74
CA LYS C 174 -17.19 24.74 -7.31
C LYS C 174 -18.37 25.55 -6.77
N LYS C 175 -18.35 26.85 -7.01
CA LYS C 175 -19.43 27.74 -6.58
C LYS C 175 -20.77 27.30 -7.16
N LEU C 176 -20.77 26.93 -8.43
CA LEU C 176 -21.98 26.45 -9.09
C LEU C 176 -22.51 25.20 -8.39
N SER C 177 -21.61 24.29 -8.06
CA SER C 177 -22.02 23.05 -7.39
C SER C 177 -22.71 23.36 -6.07
N GLU C 178 -22.25 24.41 -5.39
CA GLU C 178 -22.85 24.84 -4.13
C GLU C 178 -24.24 25.42 -4.35
N ASN C 179 -24.50 25.91 -5.54
CA ASN C 179 -25.79 26.52 -5.87
C ASN C 179 -26.73 25.54 -6.56
N LEU C 180 -26.23 24.34 -6.84
CA LEU C 180 -27.06 23.32 -7.47
C LEU C 180 -27.48 22.27 -6.44
N SER C 181 -28.43 21.43 -6.81
CA SER C 181 -28.90 20.36 -5.93
C SER C 181 -28.40 19.02 -6.44
N LEU C 182 -27.12 18.73 -6.18
CA LEU C 182 -26.50 17.51 -6.66
C LEU C 182 -26.60 16.36 -5.65
N GLU C 183 -26.65 15.15 -6.17
CA GLU C 183 -26.77 13.93 -5.37
C GLU C 183 -25.40 13.44 -4.91
N CYS C 184 -24.36 14.17 -5.30
CA CYS C 184 -23.00 13.78 -4.97
C CYS C 184 -22.27 14.96 -4.34
N SER C 185 -21.13 14.68 -3.72
CA SER C 185 -20.26 15.74 -3.23
C SER C 185 -19.31 16.16 -4.35
N VAL C 186 -18.89 17.42 -4.31
CA VAL C 186 -17.95 17.97 -5.27
C VAL C 186 -16.71 18.47 -4.53
N VAL C 187 -15.57 17.82 -4.76
CA VAL C 187 -14.34 18.14 -4.04
C VAL C 187 -13.29 18.75 -4.97
N VAL C 188 -12.60 19.78 -4.48
CA VAL C 188 -11.44 20.34 -5.18
C VAL C 188 -10.15 19.77 -4.61
N GLY C 189 -9.37 19.10 -5.45
CA GLY C 189 -8.13 18.51 -5.01
C GLY C 189 -7.18 18.12 -6.13
N GLY C 190 -6.00 17.63 -5.77
CA GLY C 190 -5.00 17.24 -6.74
C GLY C 190 -5.29 15.90 -7.42
N THR C 191 -4.70 15.70 -8.58
CA THR C 191 -4.98 14.52 -9.39
C THR C 191 -3.71 13.93 -9.98
N ILE C 192 -3.46 12.65 -9.69
CA ILE C 192 -2.32 11.95 -10.26
C ILE C 192 -2.72 11.35 -11.61
N ALA C 193 -1.88 11.55 -12.62
CA ALA C 193 -2.01 10.84 -13.88
C ALA C 193 -0.96 9.72 -13.92
N ALA C 194 -1.41 8.51 -14.18
CA ALA C 194 -0.52 7.34 -14.22
C ALA C 194 -0.48 6.74 -15.62
N ASN C 195 0.60 6.02 -15.94
CA ASN C 195 0.78 5.41 -17.26
C ASN C 195 0.36 3.94 -17.30
N ASP C 196 -0.57 3.57 -16.43
CA ASP C 196 -1.14 2.23 -16.36
C ASP C 196 -2.33 2.29 -15.40
N PHE C 197 -3.20 1.29 -15.48
CA PHE C 197 -4.32 1.18 -14.57
C PHE C 197 -3.92 0.47 -13.28
N TYR C 198 -3.01 -0.50 -13.38
CA TYR C 198 -2.71 -1.36 -12.23
C TYR C 198 -1.46 -0.95 -11.47
N GLU C 199 -0.29 -1.35 -11.95
CA GLU C 199 0.94 -1.20 -11.16
C GLU C 199 1.29 0.25 -10.82
N GLU C 200 1.19 1.14 -11.80
CA GLU C 200 1.53 2.54 -11.57
C GLU C 200 0.52 3.22 -10.65
N GLN C 201 -0.67 2.65 -10.52
CA GLN C 201 -1.67 3.21 -9.62
C GLN C 201 -1.64 2.53 -8.26
N GLY C 202 -0.66 1.65 -8.08
CA GLY C 202 -0.47 0.98 -6.80
C GLY C 202 -1.45 -0.14 -6.51
N ARG C 203 -2.05 -0.70 -7.55
CA ARG C 203 -2.99 -1.81 -7.38
C ARG C 203 -2.24 -3.11 -7.12
N LEU C 204 -2.82 -3.96 -6.27
CA LEU C 204 -2.25 -5.27 -5.96
C LEU C 204 -2.81 -6.37 -6.85
N ASP C 205 -3.81 -6.02 -7.65
CA ASP C 205 -4.62 -7.02 -8.34
C ASP C 205 -4.36 -7.10 -9.83
N GLY C 206 -3.24 -6.57 -10.28
CA GLY C 206 -2.85 -6.70 -11.68
C GLY C 206 -2.31 -8.10 -11.95
N SER C 207 -1.80 -8.31 -13.16
CA SER C 207 -1.21 -9.60 -13.50
C SER C 207 0.19 -9.70 -12.93
N ILE C 208 0.76 -8.54 -12.60
CA ILE C 208 2.07 -8.44 -11.96
C ILE C 208 1.99 -7.49 -10.77
N CYS C 209 2.65 -7.83 -9.67
CA CYS C 209 2.75 -6.92 -8.53
C CYS C 209 4.06 -7.16 -7.78
N THR C 210 4.95 -6.17 -7.81
CA THR C 210 6.28 -6.30 -7.23
C THR C 210 6.42 -5.60 -5.88
N PHE C 211 5.29 -5.16 -5.33
CA PHE C 211 5.33 -4.44 -4.06
C PHE C 211 4.35 -5.00 -3.04
N SER C 212 4.55 -4.64 -1.78
CA SER C 212 3.71 -5.12 -0.70
C SER C 212 2.55 -4.17 -0.44
N LYS C 213 1.59 -4.66 0.35
CA LYS C 213 0.46 -3.87 0.83
C LYS C 213 0.93 -2.62 1.59
N GLU C 214 2.01 -2.78 2.35
CA GLU C 214 2.56 -1.68 3.14
C GLU C 214 3.14 -0.59 2.25
N GLU C 215 3.87 -1.00 1.21
CA GLU C 215 4.46 -0.07 0.27
C GLU C 215 3.37 0.64 -0.54
N LYS C 216 2.32 -0.10 -0.89
CA LYS C 216 1.16 0.48 -1.57
C LYS C 216 0.52 1.60 -0.75
N LEU C 217 0.28 1.33 0.54
CA LEU C 217 -0.38 2.30 1.41
C LEU C 217 0.48 3.54 1.64
N ALA C 218 1.79 3.34 1.78
CA ALA C 218 2.71 4.44 1.95
C ALA C 218 2.65 5.38 0.75
N PHE C 219 2.57 4.80 -0.45
CA PHE C 219 2.46 5.56 -1.67
C PHE C 219 1.16 6.36 -1.71
N LEU C 220 0.05 5.70 -1.39
CA LEU C 220 -1.26 6.34 -1.46
C LEU C 220 -1.48 7.36 -0.35
N GLN C 221 -1.07 7.03 0.88
CA GLN C 221 -1.25 7.95 1.99
C GLN C 221 -0.42 9.22 1.79
N SER C 222 0.81 9.06 1.31
CA SER C 222 1.66 10.20 1.00
C SER C 222 1.02 11.07 -0.08
N ALA C 223 0.40 10.43 -1.06
CA ALA C 223 -0.34 11.16 -2.08
C ALA C 223 -1.46 11.96 -1.44
N TYR C 224 -2.23 11.30 -0.57
CA TYR C 224 -3.33 11.99 0.10
C TYR C 224 -2.84 13.18 0.92
N GLU C 225 -1.74 12.98 1.64
CA GLU C 225 -1.17 14.01 2.48
C GLU C 225 -0.68 15.20 1.66
N HIS C 226 -0.41 14.98 0.38
CA HIS C 226 -0.01 16.08 -0.50
C HIS C 226 -1.21 16.66 -1.24
N GLY C 227 -2.41 16.34 -0.76
CA GLY C 227 -3.62 16.94 -1.28
C GLY C 227 -4.26 16.22 -2.45
N ILE C 228 -3.67 15.10 -2.87
CA ILE C 228 -4.24 14.32 -3.96
C ILE C 228 -5.57 13.68 -3.54
N ARG C 229 -6.60 13.84 -4.36
CA ARG C 229 -7.91 13.28 -4.06
C ARG C 229 -8.39 12.28 -5.12
N ASN C 230 -7.75 12.24 -6.29
CA ASN C 230 -8.02 11.15 -7.23
C ASN C 230 -6.86 10.83 -8.15
N MET C 231 -7.06 9.82 -8.99
CA MET C 231 -6.02 9.26 -9.81
C MET C 231 -6.58 8.74 -11.14
N GLU C 232 -6.07 9.26 -12.25
CA GLU C 232 -6.50 8.80 -13.57
C GLU C 232 -5.29 8.68 -14.49
N MET C 233 -5.49 8.80 -15.81
CA MET C 233 -4.39 8.46 -16.71
C MET C 233 -3.98 9.51 -17.74
N GLU C 234 -4.63 10.67 -17.77
CA GLU C 234 -4.34 11.66 -18.83
C GLU C 234 -4.16 13.11 -18.39
N GLY C 235 -4.43 13.42 -17.13
CA GLY C 235 -4.48 14.81 -16.69
C GLY C 235 -3.27 15.67 -17.04
N THR C 236 -2.07 15.10 -16.88
CA THR C 236 -0.85 15.87 -17.08
C THR C 236 -0.61 16.19 -18.55
N ALA C 237 -1.16 15.38 -19.46
CA ALA C 237 -1.03 15.68 -20.88
C ALA C 237 -1.98 16.80 -21.27
N ILE C 238 -3.22 16.69 -20.82
CA ILE C 238 -4.25 17.66 -21.18
C ILE C 238 -3.91 19.05 -20.64
N THR C 239 -3.45 19.12 -19.39
CA THR C 239 -3.22 20.42 -18.76
C THR C 239 -1.83 21.00 -19.04
N SER C 240 -0.98 20.23 -19.70
CA SER C 240 0.29 20.78 -20.16
C SER C 240 0.15 21.25 -21.61
N HIS C 241 -0.53 20.45 -22.40
CA HIS C 241 -0.62 20.67 -23.85
C HIS C 241 -1.45 21.90 -24.22
N CYS C 242 -2.61 22.03 -23.58
CA CYS C 242 -3.51 23.14 -23.90
C CYS C 242 -2.86 24.49 -23.65
N TYR C 243 -2.24 24.66 -22.49
CA TYR C 243 -1.50 25.88 -22.18
C TYR C 243 -0.47 26.23 -23.26
N LEU C 244 0.28 25.24 -23.69
CA LEU C 244 1.35 25.47 -24.65
C LEU C 244 0.82 25.84 -26.05
N THR C 245 -0.44 25.51 -26.32
CA THR C 245 -1.04 25.87 -27.60
C THR C 245 -2.01 27.04 -27.46
N GLY C 246 -1.96 27.71 -26.32
CA GLY C 246 -2.72 28.94 -26.12
C GLY C 246 -4.16 28.73 -25.66
N HIS C 247 -4.44 27.57 -25.07
CA HIS C 247 -5.79 27.26 -24.59
C HIS C 247 -5.78 26.98 -23.08
N ARG C 248 -6.96 26.73 -22.53
CA ARG C 248 -7.10 26.43 -21.11
C ARG C 248 -7.67 25.01 -20.94
N ALA C 249 -7.39 24.39 -19.81
CA ALA C 249 -7.87 23.04 -19.55
C ALA C 249 -8.24 22.84 -18.09
N ILE C 250 -9.29 22.04 -17.87
CA ILE C 250 -9.67 21.59 -16.54
C ILE C 250 -10.01 20.12 -16.58
N LEU C 251 -9.93 19.48 -15.41
CA LEU C 251 -10.40 18.10 -15.28
C LEU C 251 -11.56 18.00 -14.30
N VAL C 252 -12.62 17.35 -14.74
CA VAL C 252 -13.79 17.07 -13.91
C VAL C 252 -14.03 15.56 -13.93
N CYS C 253 -13.53 14.85 -12.93
CA CYS C 253 -13.65 13.39 -12.94
C CYS C 253 -14.42 12.85 -11.74
N VAL C 254 -15.25 11.85 -11.99
CA VAL C 254 -15.94 11.15 -10.92
C VAL C 254 -15.03 10.06 -10.38
N THR C 255 -15.24 9.65 -9.14
CA THR C 255 -14.50 8.51 -8.59
C THR C 255 -15.37 7.25 -8.62
N ALA C 256 -14.75 6.11 -8.89
CA ALA C 256 -15.49 4.86 -9.01
C ALA C 256 -15.13 3.87 -7.91
N VAL C 257 -14.23 4.28 -7.03
CA VAL C 257 -13.72 3.46 -5.95
C VAL C 257 -12.90 4.35 -5.02
N ASN C 258 -12.86 4.02 -3.73
CA ASN C 258 -11.95 4.68 -2.80
C ASN C 258 -10.71 3.83 -2.64
N ARG C 259 -9.62 4.25 -3.29
CA ARG C 259 -8.38 3.47 -3.30
C ARG C 259 -7.74 3.28 -1.94
N LEU C 260 -8.15 4.10 -0.96
CA LEU C 260 -7.68 3.90 0.40
C LEU C 260 -8.40 2.70 1.02
N GLU C 261 -9.46 2.22 0.37
CA GLU C 261 -10.18 1.06 0.88
C GLU C 261 -9.96 -0.20 0.03
N GLY C 262 -9.74 -0.04 -1.27
CA GLY C 262 -9.60 -1.20 -2.15
C GLY C 262 -9.18 -0.86 -3.57
N ASP C 263 -8.94 -1.89 -4.37
CA ASP C 263 -8.45 -1.72 -5.74
C ASP C 263 -9.50 -2.02 -6.80
N GLN C 264 -10.24 -3.10 -6.59
CA GLN C 264 -11.25 -3.57 -7.53
C GLN C 264 -12.37 -2.57 -7.76
N ILE C 265 -12.85 -2.44 -8.99
CA ILE C 265 -14.08 -1.70 -9.23
C ILE C 265 -15.25 -2.63 -8.98
N THR C 266 -15.85 -2.51 -7.80
CA THR C 266 -16.87 -3.44 -7.35
C THR C 266 -18.29 -2.94 -7.58
N ILE C 267 -18.46 -1.65 -7.85
CA ILE C 267 -19.79 -1.13 -8.12
C ILE C 267 -20.34 -1.75 -9.40
N SER C 268 -21.66 -1.87 -9.48
CA SER C 268 -22.31 -2.47 -10.64
C SER C 268 -22.01 -1.69 -11.92
N THR C 269 -22.20 -2.35 -13.05
CA THR C 269 -22.10 -1.72 -14.36
C THR C 269 -23.02 -0.52 -14.46
N ASP C 270 -24.24 -0.66 -13.93
CA ASP C 270 -25.23 0.41 -13.98
C ASP C 270 -24.75 1.62 -13.17
N GLU C 271 -24.28 1.37 -11.95
CA GLU C 271 -23.91 2.48 -11.10
C GLU C 271 -22.65 3.18 -11.62
N PHE C 272 -21.75 2.43 -12.24
CA PHE C 272 -20.58 3.04 -12.86
C PHE C 272 -21.02 4.02 -13.96
N THR C 273 -21.92 3.55 -14.81
CA THR C 273 -22.46 4.38 -15.89
C THR C 273 -23.13 5.63 -15.34
N LEU C 274 -23.90 5.47 -14.27
CA LEU C 274 -24.53 6.60 -13.61
C LEU C 274 -23.49 7.59 -13.07
N PHE C 275 -22.54 7.08 -12.29
CA PHE C 275 -21.43 7.90 -11.79
C PHE C 275 -20.70 8.65 -12.92
N ALA C 276 -20.42 7.94 -14.01
CA ALA C 276 -19.64 8.51 -15.11
C ALA C 276 -20.34 9.66 -15.82
N GLN C 277 -21.65 9.79 -15.60
CA GLN C 277 -22.43 10.88 -16.17
C GLN C 277 -22.48 12.11 -15.25
N ARG C 278 -21.95 11.98 -14.04
CA ARG C 278 -21.98 13.09 -13.08
C ARG C 278 -21.10 14.28 -13.45
N PRO C 279 -19.88 14.06 -14.01
CA PRO C 279 -19.12 15.24 -14.43
C PRO C 279 -19.86 16.07 -15.49
N GLY C 280 -20.53 15.38 -16.42
CA GLY C 280 -21.32 16.03 -17.44
C GLY C 280 -22.54 16.75 -16.88
N GLN C 281 -23.10 16.24 -15.79
CA GLN C 281 -24.23 16.90 -15.14
C GLN C 281 -23.84 18.29 -14.65
N LEU C 282 -22.71 18.36 -13.94
CA LEU C 282 -22.21 19.63 -13.42
C LEU C 282 -21.76 20.54 -14.55
N VAL C 283 -20.95 20.00 -15.45
CA VAL C 283 -20.37 20.79 -16.53
C VAL C 283 -21.45 21.22 -17.53
N GLY C 284 -22.44 20.36 -17.75
CA GLY C 284 -23.54 20.70 -18.64
C GLY C 284 -24.27 21.95 -18.20
N GLU C 285 -24.53 22.04 -16.91
CA GLU C 285 -25.18 23.22 -16.35
C GLU C 285 -24.28 24.45 -16.49
N TYR C 286 -22.99 24.25 -16.28
CA TYR C 286 -22.01 25.31 -16.45
C TYR C 286 -22.03 25.85 -17.87
N LEU C 287 -22.02 24.94 -18.83
CA LEU C 287 -22.02 25.31 -20.25
C LEU C 287 -23.29 26.04 -20.63
N LYS C 288 -24.42 25.59 -20.08
CA LYS C 288 -25.70 26.25 -20.31
C LYS C 288 -25.68 27.71 -19.85
N ARG C 289 -24.98 27.98 -18.75
CA ARG C 289 -24.96 29.34 -18.19
C ARG C 289 -23.82 30.21 -18.71
N ASN C 290 -22.90 29.63 -19.48
CA ASN C 290 -21.76 30.39 -19.98
C ASN C 290 -21.57 30.29 -21.49
N ASN C 291 -22.68 30.32 -22.22
CA ASN C 291 -22.69 30.39 -23.67
C ASN C 291 -21.95 29.23 -24.36
N GLY C 292 -22.03 28.04 -23.76
CA GLY C 292 -21.56 26.84 -24.43
C GLY C 292 -22.60 26.46 -25.47
N ILE C 293 -23.85 26.49 -25.07
CA ILE C 293 -24.98 26.27 -25.96
C ILE C 293 -25.89 27.49 -26.01
N ILE C 294 -26.65 27.61 -27.09
CA ILE C 294 -27.78 28.53 -27.13
C ILE C 294 -28.99 27.80 -26.58
N VAL C 295 -29.70 28.40 -25.63
CA VAL C 295 -30.91 27.82 -25.07
C VAL C 295 -32.14 28.28 -25.87
N ARG C 296 -32.69 27.38 -26.67
CA ARG C 296 -33.78 27.73 -27.57
C ARG C 296 -35.15 27.55 -26.90
N ILE D 7 6.22 -16.69 -12.30
CA ILE D 7 5.80 -15.69 -11.33
C ILE D 7 4.31 -15.38 -11.42
N VAL D 8 3.55 -15.84 -10.44
CA VAL D 8 2.13 -15.52 -10.36
C VAL D 8 1.90 -14.48 -9.27
N ASN D 9 1.05 -13.50 -9.54
CA ASN D 9 0.70 -12.51 -8.54
C ASN D 9 -0.10 -13.14 -7.41
N SER D 10 0.55 -13.31 -6.25
CA SER D 10 -0.04 -14.02 -5.13
C SER D 10 -1.28 -13.33 -4.56
N HIS D 11 -1.40 -12.03 -4.79
CA HIS D 11 -2.53 -11.27 -4.24
C HIS D 11 -3.86 -11.65 -4.87
N LEU D 12 -3.80 -12.31 -6.02
CA LEU D 12 -5.03 -12.69 -6.72
C LEU D 12 -5.81 -13.77 -5.98
N SER D 13 -5.09 -14.67 -5.31
CA SER D 13 -5.73 -15.77 -4.57
C SER D 13 -6.49 -15.28 -3.33
N GLU D 14 -6.27 -14.03 -2.94
CA GLU D 14 -6.99 -13.45 -1.81
C GLU D 14 -8.36 -12.91 -2.25
N LEU D 15 -8.60 -12.97 -3.55
CA LEU D 15 -9.83 -12.45 -4.14
C LEU D 15 -10.88 -13.55 -4.28
N ASP D 16 -12.11 -13.25 -3.88
CA ASP D 16 -13.20 -14.18 -4.06
C ASP D 16 -13.72 -14.10 -5.49
N GLU D 17 -13.80 -12.88 -5.99
CA GLU D 17 -14.20 -12.63 -7.37
C GLU D 17 -13.25 -11.59 -7.95
N ASP D 18 -12.79 -11.81 -9.18
CA ASP D 18 -11.92 -10.84 -9.83
C ASP D 18 -12.66 -10.16 -10.97
N VAL D 19 -12.85 -8.86 -10.81
CA VAL D 19 -13.58 -8.06 -11.79
C VAL D 19 -12.64 -7.52 -12.87
N PHE D 20 -12.83 -7.98 -14.10
CA PHE D 20 -12.09 -7.47 -15.25
C PHE D 20 -12.78 -6.20 -15.76
N HIS D 21 -12.48 -5.09 -15.12
CA HIS D 21 -13.23 -3.85 -15.32
C HIS D 21 -13.32 -3.40 -16.78
N HIS D 22 -12.23 -3.52 -17.52
CA HIS D 22 -12.21 -2.99 -18.89
C HIS D 22 -12.72 -4.00 -19.91
N PHE D 23 -13.04 -5.22 -19.47
CA PHE D 23 -13.70 -6.18 -20.34
C PHE D 23 -15.14 -6.45 -19.91
N GLY D 24 -15.53 -5.96 -18.74
CA GLY D 24 -16.91 -6.04 -18.29
C GLY D 24 -17.42 -7.43 -17.92
N PHE D 25 -16.55 -8.28 -17.39
CA PHE D 25 -17.00 -9.52 -16.78
C PHE D 25 -16.12 -9.86 -15.57
N THR D 26 -16.44 -10.95 -14.89
CA THR D 26 -15.68 -11.36 -13.72
C THR D 26 -15.31 -12.84 -13.78
N THR D 27 -14.51 -13.31 -12.81
CA THR D 27 -14.18 -14.73 -12.72
C THR D 27 -15.41 -15.60 -12.41
N LYS D 28 -16.51 -14.96 -12.02
CA LYS D 28 -17.76 -15.67 -11.75
C LYS D 28 -18.63 -15.73 -12.99
N SER D 29 -18.24 -15.03 -14.04
CA SER D 29 -19.03 -14.96 -15.27
C SER D 29 -18.98 -16.25 -16.05
N PHE D 30 -17.82 -16.88 -16.06
CA PHE D 30 -17.60 -18.10 -16.83
C PHE D 30 -16.79 -19.10 -16.04
N ASP D 31 -16.80 -20.34 -16.51
CA ASP D 31 -15.86 -21.37 -16.09
C ASP D 31 -14.59 -21.14 -16.91
N PHE D 32 -13.61 -20.44 -16.34
CA PHE D 32 -12.47 -19.97 -17.14
C PHE D 32 -11.61 -21.10 -17.72
N LYS D 33 -11.39 -22.15 -16.94
CA LYS D 33 -10.67 -23.32 -17.45
C LYS D 33 -11.39 -23.92 -18.65
N GLU D 34 -12.70 -24.07 -18.54
CA GLU D 34 -13.46 -24.64 -19.65
C GLU D 34 -13.51 -23.70 -20.85
N LYS D 35 -13.80 -22.42 -20.59
CA LYS D 35 -14.04 -21.48 -21.68
C LYS D 35 -12.78 -21.08 -22.44
N PHE D 36 -11.69 -20.85 -21.73
CA PHE D 36 -10.48 -20.31 -22.34
C PHE D 36 -9.29 -21.27 -22.28
N GLY D 37 -9.46 -22.43 -21.65
CA GLY D 37 -8.35 -23.32 -21.37
C GLY D 37 -7.53 -23.79 -22.56
N ASP D 38 -8.15 -23.77 -23.75
CA ASP D 38 -7.50 -24.28 -24.95
C ASP D 38 -6.78 -23.18 -25.74
N VAL D 39 -6.77 -21.96 -25.22
CA VAL D 39 -6.19 -20.83 -25.93
C VAL D 39 -4.66 -20.94 -26.00
N LYS D 40 -4.13 -20.79 -27.21
CA LYS D 40 -2.68 -20.81 -27.40
C LYS D 40 -2.21 -19.57 -28.17
N PHE D 41 -3.16 -18.78 -28.65
CA PHE D 41 -2.86 -17.56 -29.39
C PHE D 41 -3.76 -16.42 -28.95
N VAL D 42 -3.21 -15.21 -28.82
CA VAL D 42 -4.03 -14.02 -28.62
C VAL D 42 -3.69 -12.97 -29.66
N CYS D 43 -4.64 -12.66 -30.53
CA CYS D 43 -4.41 -11.67 -31.57
C CYS D 43 -4.99 -10.32 -31.15
N VAL D 44 -4.15 -9.30 -31.15
CA VAL D 44 -4.56 -7.97 -30.69
C VAL D 44 -4.18 -6.87 -31.67
N CYS D 45 -4.98 -5.79 -31.69
CA CYS D 45 -4.63 -4.61 -32.45
C CYS D 45 -5.35 -3.40 -31.88
N GLY D 46 -5.13 -2.22 -32.45
CA GLY D 46 -5.66 -1.00 -31.87
C GLY D 46 -7.12 -0.72 -32.19
N SER D 47 -7.68 -1.46 -33.14
CA SER D 47 -9.05 -1.19 -33.59
C SER D 47 -10.00 -2.37 -33.32
N SER D 48 -11.08 -2.09 -32.60
CA SER D 48 -12.08 -3.11 -32.29
C SER D 48 -12.76 -3.63 -33.56
N GLY D 49 -12.99 -2.73 -34.51
CA GLY D 49 -13.60 -3.10 -35.76
C GLY D 49 -12.71 -4.06 -36.57
N ARG D 50 -11.43 -3.76 -36.65
N ARG D 50 -11.43 -3.74 -36.67
CA ARG D 50 -10.52 -4.55 -37.47
CA ARG D 50 -10.50 -4.54 -37.46
C ARG D 50 -10.18 -5.90 -36.85
C ARG D 50 -10.30 -5.92 -36.85
N ILE D 51 -10.14 -5.98 -35.53
CA ILE D 51 -9.88 -7.26 -34.86
C ILE D 51 -11.12 -8.15 -34.92
N HIS D 52 -12.30 -7.53 -34.92
CA HIS D 52 -13.55 -8.29 -35.06
C HIS D 52 -13.59 -8.92 -36.44
N ASN D 53 -13.32 -8.11 -37.46
CA ASN D 53 -13.34 -8.59 -38.84
C ASN D 53 -12.31 -9.69 -39.06
N PHE D 54 -11.14 -9.57 -38.44
CA PHE D 54 -10.13 -10.61 -38.52
C PHE D 54 -10.62 -11.90 -37.85
N ALA D 55 -11.31 -11.76 -36.72
CA ALA D 55 -11.93 -12.90 -36.05
C ALA D 55 -12.96 -13.59 -36.94
N ILE D 56 -13.73 -12.78 -37.66
CA ILE D 56 -14.73 -13.29 -38.59
C ILE D 56 -14.05 -14.07 -39.74
N SER D 57 -12.89 -13.59 -40.18
CA SER D 57 -12.19 -14.26 -41.28
C SER D 57 -11.57 -15.58 -40.79
N MET D 58 -11.16 -15.61 -39.52
CA MET D 58 -10.61 -16.84 -38.96
C MET D 58 -11.72 -17.89 -38.74
N ALA D 59 -12.90 -17.44 -38.34
CA ALA D 59 -14.05 -18.33 -38.20
C ALA D 59 -14.41 -18.97 -39.54
N LYS D 60 -14.43 -18.16 -40.59
CA LYS D 60 -14.72 -18.65 -41.94
C LYS D 60 -13.69 -19.70 -42.37
N LEU D 61 -12.42 -19.42 -42.10
CA LEU D 61 -11.32 -20.34 -42.39
C LEU D 61 -11.48 -21.63 -41.61
N ALA D 62 -12.00 -21.54 -40.40
CA ALA D 62 -12.17 -22.69 -39.52
C ALA D 62 -13.43 -23.46 -39.88
N GLY D 63 -14.21 -22.91 -40.82
CA GLY D 63 -15.43 -23.56 -41.26
C GLY D 63 -16.56 -23.36 -40.28
N LEU D 64 -16.50 -22.27 -39.53
CA LEU D 64 -17.54 -21.93 -38.56
C LEU D 64 -18.58 -21.04 -39.22
N ALA D 65 -19.85 -21.35 -39.01
CA ALA D 65 -20.93 -20.63 -39.69
C ALA D 65 -21.51 -19.50 -38.85
N LEU D 66 -21.82 -19.81 -37.58
CA LEU D 66 -22.42 -18.83 -36.68
C LEU D 66 -21.52 -17.61 -36.51
N PRO D 67 -22.13 -16.42 -36.35
CA PRO D 67 -21.39 -15.17 -36.12
C PRO D 67 -20.53 -15.25 -34.87
N VAL D 68 -19.36 -14.64 -34.90
CA VAL D 68 -18.52 -14.57 -33.72
C VAL D 68 -19.05 -13.46 -32.81
N GLU D 69 -19.38 -13.83 -31.58
CA GLU D 69 -20.02 -12.89 -30.65
C GLU D 69 -19.02 -12.32 -29.65
N ASN D 70 -19.22 -11.05 -29.32
CA ASN D 70 -18.45 -10.38 -28.27
C ASN D 70 -18.60 -11.11 -26.94
N ILE D 71 -17.48 -11.49 -26.34
CA ILE D 71 -17.48 -12.11 -25.02
C ILE D 71 -17.49 -11.03 -23.93
N ALA D 72 -16.88 -9.89 -24.25
CA ALA D 72 -16.82 -8.75 -23.33
C ALA D 72 -18.21 -8.15 -23.08
N GLY D 73 -18.34 -7.38 -22.00
CA GLY D 73 -19.60 -6.74 -21.67
C GLY D 73 -19.95 -5.64 -22.66
N SER D 74 -21.25 -5.34 -22.76
CA SER D 74 -21.72 -4.37 -23.74
C SER D 74 -21.16 -2.96 -23.51
N HIS D 75 -20.87 -2.63 -22.26
CA HIS D 75 -20.32 -1.31 -21.94
C HIS D 75 -18.82 -1.33 -21.63
N ALA D 76 -18.15 -2.43 -21.98
CA ALA D 76 -16.72 -2.54 -21.71
C ALA D 76 -15.91 -1.64 -22.63
N ARG D 77 -14.69 -1.32 -22.21
CA ARG D 77 -13.78 -0.52 -23.04
C ARG D 77 -13.26 -1.34 -24.23
N PHE D 78 -13.00 -2.62 -23.99
CA PHE D 78 -12.42 -3.51 -24.98
C PHE D 78 -13.42 -4.56 -25.46
N VAL D 79 -13.15 -5.13 -26.63
CA VAL D 79 -13.94 -6.26 -27.13
C VAL D 79 -13.12 -7.55 -26.96
N LEU D 80 -13.79 -8.69 -27.01
CA LEU D 80 -13.09 -9.97 -26.84
C LEU D 80 -13.80 -11.08 -27.61
N TYR D 81 -13.09 -11.70 -28.54
CA TYR D 81 -13.67 -12.79 -29.33
C TYR D 81 -12.84 -14.05 -29.20
N LYS D 82 -13.44 -15.19 -29.51
CA LYS D 82 -12.73 -16.46 -29.51
C LYS D 82 -13.10 -17.31 -30.72
N VAL D 83 -12.08 -17.73 -31.47
CA VAL D 83 -12.27 -18.69 -32.56
C VAL D 83 -11.31 -19.85 -32.34
N ASP D 84 -11.88 -21.01 -32.03
CA ASP D 84 -11.10 -22.19 -31.69
C ASP D 84 -10.05 -21.84 -30.63
N HIS D 85 -8.76 -22.00 -30.94
CA HIS D 85 -7.72 -21.77 -29.93
C HIS D 85 -7.18 -20.35 -29.94
N ILE D 86 -7.91 -19.42 -30.55
CA ILE D 86 -7.43 -18.05 -30.66
C ILE D 86 -8.32 -17.05 -29.94
N LEU D 87 -7.72 -16.23 -29.09
CA LEU D 87 -8.41 -15.12 -28.46
C LEU D 87 -8.16 -13.84 -29.26
N PHE D 88 -9.18 -12.99 -29.37
CA PHE D 88 -9.05 -11.73 -30.11
C PHE D 88 -9.45 -10.55 -29.22
N ALA D 89 -8.59 -9.54 -29.12
CA ALA D 89 -8.88 -8.35 -28.30
C ALA D 89 -8.35 -7.08 -28.95
N ASP D 90 -8.96 -5.94 -28.65
CA ASP D 90 -8.35 -4.68 -29.05
C ASP D 90 -7.65 -4.08 -27.83
N HIS D 91 -6.80 -3.08 -28.05
CA HIS D 91 -6.01 -2.52 -26.96
C HIS D 91 -5.81 -0.99 -27.06
N GLY D 92 -6.55 -0.36 -27.97
CA GLY D 92 -6.44 1.06 -28.16
C GLY D 92 -5.05 1.45 -28.66
N MET D 93 -4.64 2.68 -28.36
CA MET D 93 -3.38 3.20 -28.83
C MET D 93 -2.50 3.64 -27.67
N GLY D 94 -1.25 3.19 -27.67
CA GLY D 94 -0.31 3.63 -26.66
C GLY D 94 -0.10 2.61 -25.57
N ILE D 95 1.06 2.70 -24.92
CA ILE D 95 1.50 1.76 -23.92
C ILE D 95 0.53 1.62 -22.71
N PRO D 96 0.04 2.74 -22.15
CA PRO D 96 -0.84 2.59 -20.97
C PRO D 96 -2.12 1.83 -21.28
N SER D 97 -2.70 2.09 -22.44
CA SER D 97 -3.89 1.36 -22.87
C SER D 97 -3.57 -0.11 -23.12
N ALA D 98 -2.48 -0.38 -23.83
CA ALA D 98 -2.07 -1.76 -24.09
C ALA D 98 -1.83 -2.53 -22.78
N LEU D 99 -1.25 -1.86 -21.78
CA LEU D 99 -0.99 -2.51 -20.49
C LEU D 99 -2.28 -2.88 -19.75
N ILE D 100 -3.33 -2.10 -19.95
CA ILE D 100 -4.63 -2.46 -19.37
C ILE D 100 -5.11 -3.78 -19.97
N MET D 101 -5.09 -3.89 -21.29
CA MET D 101 -5.45 -5.12 -21.98
C MET D 101 -4.57 -6.28 -21.51
N LEU D 102 -3.27 -6.02 -21.42
CA LEU D 102 -2.29 -7.06 -21.08
C LEU D 102 -2.49 -7.61 -19.67
N HIS D 103 -2.69 -6.74 -18.70
CA HIS D 103 -2.92 -7.16 -17.34
C HIS D 103 -4.15 -8.03 -17.24
N GLU D 104 -5.24 -7.57 -17.85
CA GLU D 104 -6.51 -8.27 -17.70
C GLU D 104 -6.54 -9.57 -18.52
N VAL D 105 -5.98 -9.56 -19.73
CA VAL D 105 -5.95 -10.79 -20.52
C VAL D 105 -5.00 -11.85 -19.93
N THR D 106 -3.82 -11.44 -19.47
CA THR D 106 -2.90 -12.44 -18.91
C THR D 106 -3.42 -12.96 -17.57
N LYS D 107 -4.22 -12.18 -16.86
CA LYS D 107 -4.91 -12.71 -15.70
C LYS D 107 -5.91 -13.77 -16.17
N LEU D 108 -6.66 -13.46 -17.21
CA LEU D 108 -7.64 -14.38 -17.77
C LEU D 108 -6.97 -15.70 -18.12
N LEU D 109 -5.83 -15.62 -18.81
CA LEU D 109 -5.08 -16.80 -19.18
C LEU D 109 -4.66 -17.63 -17.96
N HIS D 110 -4.22 -16.93 -16.92
CA HIS D 110 -3.83 -17.56 -15.66
C HIS D 110 -4.98 -18.33 -15.02
N TYR D 111 -6.13 -17.69 -14.86
CA TYR D 111 -7.29 -18.36 -14.27
C TYR D 111 -7.71 -19.54 -15.14
N ALA D 112 -7.48 -19.42 -16.44
CA ALA D 112 -7.89 -20.46 -17.39
C ALA D 112 -6.89 -21.61 -17.43
N GLY D 113 -5.72 -21.40 -16.85
CA GLY D 113 -4.68 -22.42 -16.81
C GLY D 113 -3.91 -22.53 -18.10
N CYS D 114 -3.96 -21.49 -18.92
CA CYS D 114 -3.20 -21.47 -20.18
C CYS D 114 -1.72 -21.26 -19.92
N LYS D 115 -0.89 -21.98 -20.66
CA LYS D 115 0.55 -21.84 -20.54
C LYS D 115 1.19 -21.52 -21.88
N ASP D 116 2.22 -20.68 -21.83
CA ASP D 116 3.05 -20.40 -22.99
C ASP D 116 2.23 -20.00 -24.21
N VAL D 117 1.41 -18.98 -24.04
CA VAL D 117 0.55 -18.46 -25.10
C VAL D 117 1.35 -17.49 -25.97
N LEU D 118 1.06 -17.46 -27.26
CA LEU D 118 1.68 -16.48 -28.15
C LEU D 118 0.77 -15.27 -28.37
N PHE D 119 1.23 -14.09 -27.98
CA PHE D 119 0.52 -12.85 -28.28
C PHE D 119 0.98 -12.33 -29.62
N ILE D 120 0.02 -11.95 -30.46
CA ILE D 120 0.33 -11.43 -31.78
C ILE D 120 -0.28 -10.07 -31.99
N ARG D 121 0.52 -9.01 -31.95
CA ARG D 121 0.00 -7.69 -32.26
C ARG D 121 0.01 -7.45 -33.76
N LEU D 122 -1.17 -7.20 -34.32
CA LEU D 122 -1.35 -6.89 -35.74
C LEU D 122 -1.57 -5.40 -35.88
N GLY D 123 -0.52 -4.61 -36.06
CA GLY D 123 -0.69 -3.18 -36.00
C GLY D 123 -0.44 -2.41 -37.29
N THR D 124 -0.55 -1.08 -37.18
CA THR D 124 -0.10 -0.19 -38.23
C THR D 124 1.07 0.60 -37.66
N SER D 125 1.89 1.15 -38.55
CA SER D 125 3.15 1.78 -38.14
C SER D 125 3.64 2.73 -39.21
N GLY D 126 4.63 3.54 -38.85
CA GLY D 126 5.34 4.33 -39.84
C GLY D 126 6.57 3.54 -40.25
N GLY D 127 6.84 3.47 -41.54
CA GLY D 127 8.02 2.76 -42.01
C GLY D 127 9.25 3.65 -42.02
N LEU D 128 10.42 3.05 -41.76
CA LEU D 128 11.68 3.75 -41.95
C LEU D 128 12.46 3.12 -43.09
N GLY D 129 12.41 3.75 -44.27
CA GLY D 129 13.15 3.24 -45.41
C GLY D 129 12.48 2.09 -46.14
N VAL D 130 11.17 1.92 -45.95
CA VAL D 130 10.43 0.90 -46.67
C VAL D 130 9.17 1.51 -47.28
N LYS D 131 8.70 0.92 -48.37
CA LYS D 131 7.54 1.46 -49.07
C LYS D 131 6.27 1.25 -48.24
N PRO D 132 5.35 2.21 -48.30
CA PRO D 132 4.07 2.03 -47.61
C PRO D 132 3.37 0.76 -48.08
N GLY D 133 2.75 0.05 -47.15
CA GLY D 133 2.04 -1.19 -47.47
C GLY D 133 2.86 -2.42 -47.12
N THR D 134 4.09 -2.17 -46.66
CA THR D 134 5.01 -3.22 -46.27
C THR D 134 4.69 -3.80 -44.89
N ILE D 135 4.74 -5.12 -44.79
CA ILE D 135 4.65 -5.78 -43.50
C ILE D 135 6.01 -5.85 -42.86
N VAL D 136 6.15 -5.32 -41.65
CA VAL D 136 7.40 -5.45 -40.92
C VAL D 136 7.24 -6.45 -39.77
N LEU D 137 8.07 -7.48 -39.76
CA LEU D 137 8.12 -8.41 -38.64
C LEU D 137 9.18 -7.93 -37.66
N SER D 138 8.78 -7.51 -36.47
CA SER D 138 9.72 -7.02 -35.46
C SER D 138 10.64 -8.14 -35.02
N ASP D 139 11.96 -7.92 -35.07
CA ASP D 139 12.88 -8.85 -34.43
C ASP D 139 13.41 -8.26 -33.12
N ARG D 140 13.09 -6.99 -32.88
CA ARG D 140 13.37 -6.29 -31.61
C ARG D 140 12.35 -5.17 -31.40
N CYS D 141 11.97 -4.91 -30.16
CA CYS D 141 11.15 -3.74 -29.83
C CYS D 141 11.91 -2.84 -28.87
N VAL D 142 12.05 -1.58 -29.24
CA VAL D 142 12.85 -0.65 -28.43
C VAL D 142 12.11 0.65 -28.19
N ASN D 143 12.53 1.38 -27.16
CA ASN D 143 11.95 2.69 -26.87
C ASN D 143 12.57 3.75 -27.78
N THR D 144 12.18 5.00 -27.58
CA THR D 144 12.65 6.10 -28.44
C THR D 144 14.13 6.41 -28.26
N LYS D 145 14.78 5.80 -27.26
CA LYS D 145 16.22 5.93 -27.10
C LYS D 145 16.93 4.66 -27.57
N LEU D 146 16.19 3.82 -28.28
CA LEU D 146 16.70 2.61 -28.95
C LEU D 146 17.11 1.52 -27.96
N GLU D 147 16.53 1.55 -26.77
CA GLU D 147 16.79 0.54 -25.74
C GLU D 147 15.70 -0.52 -25.71
N PRO D 148 16.08 -1.82 -25.68
CA PRO D 148 15.08 -2.89 -25.65
C PRO D 148 14.44 -3.04 -24.28
N TYR D 149 13.85 -1.95 -23.79
CA TYR D 149 13.25 -1.94 -22.48
C TYR D 149 11.97 -1.12 -22.47
N ASN D 150 10.95 -1.62 -21.80
CA ASN D 150 9.82 -0.79 -21.44
C ASN D 150 10.15 -0.08 -20.14
N GLU D 151 9.82 1.21 -20.06
CA GLU D 151 10.03 1.98 -18.83
C GLU D 151 8.72 2.14 -18.08
N LEU D 152 8.77 1.93 -16.77
CA LEU D 152 7.60 2.11 -15.93
C LEU D 152 7.96 2.93 -14.69
N CYS D 153 6.95 3.55 -14.08
CA CYS D 153 7.14 4.27 -12.82
C CYS D 153 6.15 3.71 -11.82
N ILE D 154 6.64 2.90 -10.89
CA ILE D 154 5.78 2.14 -10.00
C ILE D 154 5.99 2.56 -8.55
N LEU D 155 4.90 3.02 -7.91
CA LEU D 155 4.96 3.70 -6.61
C LEU D 155 5.97 4.84 -6.64
N GLY D 156 6.01 5.55 -7.77
CA GLY D 156 6.89 6.68 -7.93
C GLY D 156 8.33 6.33 -8.26
N LYS D 157 8.65 5.04 -8.39
CA LYS D 157 10.03 4.63 -8.66
C LYS D 157 10.20 4.05 -10.05
N PRO D 158 11.28 4.46 -10.75
CA PRO D 158 11.59 4.02 -12.11
C PRO D 158 11.84 2.51 -12.19
N VAL D 159 11.19 1.87 -13.15
CA VAL D 159 11.34 0.44 -13.37
C VAL D 159 11.58 0.18 -14.86
N ARG D 160 12.49 -0.75 -15.16
CA ARG D 160 12.79 -1.11 -16.54
C ARG D 160 12.59 -2.60 -16.76
N ARG D 161 11.87 -2.95 -17.81
CA ARG D 161 11.57 -4.34 -18.14
C ARG D 161 12.01 -4.66 -19.58
N GLN D 162 12.87 -5.65 -19.73
CA GLN D 162 13.45 -5.97 -21.03
C GLN D 162 12.39 -6.50 -22.01
N THR D 163 12.55 -6.16 -23.28
CA THR D 163 11.66 -6.65 -24.33
C THR D 163 12.21 -7.90 -24.96
N ILE D 164 11.34 -8.87 -25.21
CA ILE D 164 11.72 -10.13 -25.83
C ILE D 164 10.75 -10.50 -26.94
N VAL D 165 11.25 -10.70 -28.15
CA VAL D 165 10.43 -11.15 -29.27
C VAL D 165 10.63 -12.64 -29.54
N ASP D 166 9.54 -13.35 -29.83
CA ASP D 166 9.62 -14.77 -30.18
C ASP D 166 10.21 -14.92 -31.60
N LEU D 167 11.49 -14.99 -31.69
CA LEU D 167 12.18 -14.98 -32.98
C LEU D 167 11.95 -16.25 -33.79
N ASN D 168 11.76 -17.33 -33.11
CA ASN D 168 11.47 -18.56 -33.83
C ASN D 168 10.21 -18.39 -34.69
N THR D 169 9.20 -17.76 -34.11
CA THR D 169 7.95 -17.53 -34.82
C THR D 169 8.10 -16.50 -35.94
N VAL D 170 8.89 -15.45 -35.68
CA VAL D 170 9.21 -14.46 -36.70
C VAL D 170 9.81 -15.12 -37.94
N ASN D 171 10.78 -16.00 -37.73
CA ASN D 171 11.46 -16.69 -38.82
C ASN D 171 10.50 -17.60 -39.58
N GLU D 172 9.59 -18.26 -38.87
CA GLU D 172 8.55 -19.08 -39.51
C GLU D 172 7.61 -18.22 -40.33
N LEU D 173 7.25 -17.03 -39.84
CA LEU D 173 6.38 -16.13 -40.58
C LEU D 173 7.06 -15.62 -41.84
N LYS D 174 8.34 -15.32 -41.73
CA LYS D 174 9.11 -14.85 -42.86
C LYS D 174 9.12 -15.88 -43.98
N LYS D 175 9.43 -17.14 -43.63
CA LYS D 175 9.50 -18.20 -44.62
C LYS D 175 8.11 -18.54 -45.15
N LEU D 176 7.10 -18.42 -44.30
CA LEU D 176 5.72 -18.59 -44.75
C LEU D 176 5.38 -17.56 -45.84
N SER D 177 5.81 -16.32 -45.62
CA SER D 177 5.53 -15.23 -46.56
C SER D 177 6.13 -15.50 -47.93
N GLU D 178 7.27 -16.19 -47.97
CA GLU D 178 7.89 -16.55 -49.24
C GLU D 178 7.05 -17.57 -50.01
N ASN D 179 6.20 -18.31 -49.31
CA ASN D 179 5.34 -19.31 -49.95
C ASN D 179 3.94 -18.81 -50.31
N LEU D 180 3.63 -17.58 -49.91
CA LEU D 180 2.31 -17.02 -50.16
C LEU D 180 2.33 -16.05 -51.35
N SER D 181 1.16 -15.58 -51.75
CA SER D 181 1.04 -14.59 -52.81
C SER D 181 0.51 -13.28 -52.25
N LEU D 182 1.38 -12.52 -51.60
CA LEU D 182 0.96 -11.27 -50.97
C LEU D 182 1.12 -10.07 -51.90
N GLU D 183 0.29 -9.06 -51.71
CA GLU D 183 0.38 -7.81 -52.46
C GLU D 183 1.55 -6.94 -52.01
N CYS D 184 2.35 -7.47 -51.09
CA CYS D 184 3.32 -6.64 -50.41
C CYS D 184 4.59 -7.40 -50.06
N SER D 185 5.64 -6.67 -49.72
CA SER D 185 6.86 -7.27 -49.25
C SER D 185 6.78 -7.45 -47.73
N VAL D 186 7.64 -8.34 -47.23
CA VAL D 186 7.72 -8.64 -45.81
C VAL D 186 9.16 -8.47 -45.37
N VAL D 187 9.37 -7.57 -44.41
CA VAL D 187 10.72 -7.23 -43.98
C VAL D 187 10.90 -7.50 -42.49
N VAL D 188 12.05 -8.07 -42.13
CA VAL D 188 12.41 -8.30 -40.74
C VAL D 188 13.28 -7.15 -40.25
N GLY D 189 12.84 -6.46 -39.21
CA GLY D 189 13.58 -5.30 -38.72
C GLY D 189 13.16 -4.88 -37.34
N GLY D 190 13.85 -3.89 -36.78
CA GLY D 190 13.57 -3.41 -35.44
C GLY D 190 12.41 -2.44 -35.39
N THR D 191 11.78 -2.32 -34.22
CA THR D 191 10.61 -1.46 -34.07
C THR D 191 10.68 -0.55 -32.86
N ILE D 192 10.55 0.75 -33.09
CA ILE D 192 10.45 1.71 -32.01
C ILE D 192 8.99 1.84 -31.58
N ALA D 193 8.78 1.85 -30.26
CA ALA D 193 7.50 2.23 -29.68
C ALA D 193 7.61 3.61 -29.05
N ALA D 194 6.70 4.50 -29.42
CA ALA D 194 6.73 5.89 -28.93
C ALA D 194 5.47 6.24 -28.13
N ASN D 195 5.61 7.20 -27.22
CA ASN D 195 4.50 7.61 -26.36
C ASN D 195 3.68 8.80 -26.91
N ASP D 196 3.72 8.94 -28.24
CA ASP D 196 2.92 9.92 -28.96
C ASP D 196 2.96 9.53 -30.44
N PHE D 197 2.01 10.03 -31.22
CA PHE D 197 2.02 9.78 -32.67
C PHE D 197 2.88 10.84 -33.36
N TYR D 198 2.97 12.02 -32.75
CA TYR D 198 3.60 13.16 -33.39
C TYR D 198 5.01 13.44 -32.91
N GLU D 199 5.16 14.20 -31.83
CA GLU D 199 6.47 14.74 -31.47
C GLU D 199 7.48 13.65 -31.14
N GLU D 200 7.07 12.62 -30.42
CA GLU D 200 7.98 11.53 -30.06
C GLU D 200 8.36 10.67 -31.26
N GLN D 201 7.56 10.73 -32.32
CA GLN D 201 7.87 10.00 -33.54
C GLN D 201 8.60 10.89 -34.54
N GLY D 202 8.97 12.09 -34.08
CA GLY D 202 9.75 13.00 -34.90
C GLY D 202 8.96 13.62 -36.03
N ARG D 203 7.64 13.72 -35.88
CA ARG D 203 6.81 14.37 -36.90
C ARG D 203 6.90 15.89 -36.84
N LEU D 204 6.88 16.51 -38.02
CA LEU D 204 6.96 17.96 -38.14
C LEU D 204 5.56 18.59 -38.18
N ASP D 205 4.52 17.76 -38.25
CA ASP D 205 3.17 18.26 -38.53
C ASP D 205 2.18 18.16 -37.36
N GLY D 206 2.71 18.10 -36.14
CA GLY D 206 1.86 18.13 -34.96
C GLY D 206 1.41 19.55 -34.66
N SER D 207 0.72 19.72 -33.54
CA SER D 207 0.28 21.05 -33.12
C SER D 207 1.44 21.79 -32.47
N ILE D 208 2.44 21.02 -32.04
CA ILE D 208 3.68 21.57 -31.50
C ILE D 208 4.87 20.87 -32.13
N CYS D 209 5.86 21.65 -32.56
CA CYS D 209 7.12 21.09 -33.06
C CYS D 209 8.31 21.96 -32.65
N THR D 210 9.25 21.37 -31.91
CA THR D 210 10.38 22.12 -31.37
C THR D 210 11.69 21.77 -32.08
N PHE D 211 11.59 21.01 -33.17
CA PHE D 211 12.79 20.58 -33.88
C PHE D 211 12.70 20.85 -35.38
N SER D 212 13.83 20.71 -36.06
CA SER D 212 13.91 20.94 -37.50
C SER D 212 13.84 19.64 -38.27
N LYS D 213 13.59 19.75 -39.57
CA LYS D 213 13.61 18.59 -40.46
C LYS D 213 14.96 17.86 -40.40
N GLU D 214 16.06 18.62 -40.33
CA GLU D 214 17.38 18.01 -40.26
C GLU D 214 17.53 17.22 -38.96
N GLU D 215 16.98 17.76 -37.87
CA GLU D 215 17.05 17.08 -36.59
C GLU D 215 16.14 15.85 -36.59
N LYS D 216 14.97 15.99 -37.20
CA LYS D 216 14.09 14.84 -37.45
C LYS D 216 14.84 13.71 -38.16
N LEU D 217 15.47 14.04 -39.27
CA LEU D 217 16.13 13.05 -40.10
C LEU D 217 17.35 12.46 -39.41
N ALA D 218 18.06 13.26 -38.63
CA ALA D 218 19.20 12.73 -37.89
C ALA D 218 18.73 11.65 -36.92
N PHE D 219 17.59 11.91 -36.29
CA PHE D 219 16.99 10.98 -35.35
C PHE D 219 16.54 9.68 -36.03
N LEU D 220 15.87 9.81 -37.16
CA LEU D 220 15.36 8.63 -37.87
C LEU D 220 16.48 7.86 -38.57
N GLN D 221 17.45 8.57 -39.13
CA GLN D 221 18.61 7.93 -39.73
C GLN D 221 19.40 7.15 -38.69
N SER D 222 19.52 7.70 -37.49
CA SER D 222 20.16 6.98 -36.39
C SER D 222 19.39 5.71 -36.04
N ALA D 223 18.06 5.80 -36.04
CA ALA D 223 17.22 4.64 -35.79
C ALA D 223 17.46 3.58 -36.87
N TYR D 224 17.36 3.99 -38.13
CA TYR D 224 17.56 3.10 -39.26
C TYR D 224 18.92 2.40 -39.22
N GLU D 225 19.95 3.14 -38.82
CA GLU D 225 21.29 2.59 -38.73
C GLU D 225 21.37 1.55 -37.61
N HIS D 226 20.46 1.65 -36.65
CA HIS D 226 20.41 0.67 -35.56
C HIS D 226 19.45 -0.47 -35.89
N GLY D 227 19.06 -0.58 -37.15
CA GLY D 227 18.27 -1.71 -37.61
C GLY D 227 16.78 -1.49 -37.60
N ILE D 228 16.35 -0.30 -37.18
CA ILE D 228 14.93 0.02 -37.08
C ILE D 228 14.32 0.21 -38.46
N ARG D 229 13.19 -0.45 -38.70
CA ARG D 229 12.51 -0.36 -39.99
C ARG D 229 11.06 0.12 -39.85
N ASN D 230 10.54 0.17 -38.62
CA ASN D 230 9.25 0.81 -38.40
C ASN D 230 9.07 1.35 -36.99
N MET D 231 7.97 2.06 -36.78
CA MET D 231 7.74 2.79 -35.54
C MET D 231 6.26 2.82 -35.22
N GLU D 232 5.90 2.39 -34.00
CA GLU D 232 4.52 2.43 -33.56
C GLU D 232 4.45 2.84 -32.09
N MET D 233 3.44 2.40 -31.34
CA MET D 233 3.24 2.99 -30.02
C MET D 233 3.10 2.03 -28.82
N GLU D 234 3.17 0.72 -29.04
CA GLU D 234 2.94 -0.23 -27.93
C GLU D 234 3.87 -1.45 -27.86
N GLY D 235 4.78 -1.59 -28.82
CA GLY D 235 5.57 -2.80 -28.95
C GLY D 235 6.36 -3.21 -27.71
N THR D 236 6.95 -2.23 -27.03
CA THR D 236 7.76 -2.50 -25.85
C THR D 236 6.93 -3.00 -24.66
N ALA D 237 5.68 -2.56 -24.56
CA ALA D 237 4.83 -3.02 -23.47
C ALA D 237 4.46 -4.49 -23.69
N ILE D 238 3.99 -4.80 -24.90
CA ILE D 238 3.58 -6.16 -25.23
C ILE D 238 4.73 -7.16 -25.08
N THR D 239 5.91 -6.82 -25.57
CA THR D 239 7.02 -7.77 -25.62
C THR D 239 7.84 -7.83 -24.33
N SER D 240 7.56 -6.93 -23.38
CA SER D 240 8.19 -7.03 -22.06
C SER D 240 7.23 -7.73 -21.11
N HIS D 241 5.94 -7.44 -21.24
CA HIS D 241 4.93 -7.95 -20.32
C HIS D 241 4.64 -9.43 -20.51
N CYS D 242 4.56 -9.88 -21.76
CA CYS D 242 4.23 -11.27 -22.02
C CYS D 242 5.32 -12.19 -21.45
N TYR D 243 6.58 -11.82 -21.70
CA TYR D 243 7.72 -12.53 -21.13
C TYR D 243 7.62 -12.71 -19.62
N LEU D 244 7.31 -11.62 -18.92
CA LEU D 244 7.26 -11.63 -17.45
C LEU D 244 6.09 -12.43 -16.90
N THR D 245 5.08 -12.73 -17.72
CA THR D 245 3.96 -13.53 -17.27
C THR D 245 3.97 -14.92 -17.89
N GLY D 246 5.09 -15.27 -18.51
CA GLY D 246 5.31 -16.63 -18.98
C GLY D 246 4.84 -16.91 -20.40
N HIS D 247 4.67 -15.86 -21.19
CA HIS D 247 4.14 -16.01 -22.54
C HIS D 247 5.10 -15.47 -23.60
N ARG D 248 4.73 -15.61 -24.87
CA ARG D 248 5.54 -15.14 -25.98
C ARG D 248 4.85 -14.00 -26.73
N ALA D 249 5.61 -13.18 -27.44
CA ALA D 249 4.99 -12.08 -28.19
C ALA D 249 5.73 -11.77 -29.49
N ILE D 250 4.96 -11.41 -30.51
CA ILE D 250 5.51 -10.92 -31.76
C ILE D 250 4.71 -9.71 -32.21
N LEU D 251 5.35 -8.86 -33.00
CA LEU D 251 4.66 -7.76 -33.66
C LEU D 251 4.68 -7.96 -35.16
N VAL D 252 3.50 -7.86 -35.76
CA VAL D 252 3.38 -7.92 -37.21
C VAL D 252 2.62 -6.69 -37.66
N CYS D 253 3.33 -5.69 -38.13
CA CYS D 253 2.71 -4.42 -38.45
C CYS D 253 2.93 -4.04 -39.90
N VAL D 254 1.91 -3.44 -40.50
CA VAL D 254 2.04 -2.89 -41.84
C VAL D 254 2.50 -1.44 -41.70
N THR D 255 3.13 -0.91 -42.74
CA THR D 255 3.55 0.49 -42.73
C THR D 255 2.57 1.34 -43.56
N ALA D 256 2.29 2.55 -43.09
CA ALA D 256 1.32 3.41 -43.76
C ALA D 256 1.96 4.63 -44.41
N VAL D 257 3.26 4.79 -44.19
CA VAL D 257 4.01 5.94 -44.71
C VAL D 257 5.49 5.63 -44.56
N ASN D 258 6.31 6.18 -45.44
CA ASN D 258 7.76 6.13 -45.27
C ASN D 258 8.22 7.40 -44.60
N ARG D 259 8.50 7.30 -43.29
CA ARG D 259 8.81 8.47 -42.48
C ARG D 259 10.09 9.19 -42.90
N LEU D 260 10.95 8.51 -43.64
CA LEU D 260 12.15 9.15 -44.16
C LEU D 260 11.79 10.16 -45.25
N GLU D 261 10.61 10.01 -45.82
CA GLU D 261 10.14 10.90 -46.88
C GLU D 261 9.08 11.91 -46.39
N GLY D 262 8.37 11.57 -45.34
CA GLY D 262 7.33 12.46 -44.84
C GLY D 262 6.65 11.97 -43.57
N ASP D 263 5.65 12.73 -43.12
CA ASP D 263 4.94 12.42 -41.87
C ASP D 263 3.46 12.10 -42.10
N GLN D 264 2.83 12.87 -42.97
CA GLN D 264 1.39 12.75 -43.25
C GLN D 264 1.01 11.38 -43.79
N ILE D 265 -0.11 10.84 -43.32
CA ILE D 265 -0.68 9.65 -43.93
C ILE D 265 -1.52 10.10 -45.10
N THR D 266 -0.98 10.00 -46.31
CA THR D 266 -1.63 10.57 -47.48
C THR D 266 -2.46 9.56 -48.25
N ILE D 267 -2.20 8.27 -48.03
CA ILE D 267 -2.96 7.24 -48.72
C ILE D 267 -4.43 7.35 -48.31
N SER D 268 -5.31 6.95 -49.22
CA SER D 268 -6.74 7.07 -48.98
C SER D 268 -7.14 6.25 -47.76
N THR D 269 -8.28 6.59 -47.19
CA THR D 269 -8.86 5.85 -46.09
C THR D 269 -9.10 4.39 -46.49
N ASP D 270 -9.56 4.18 -47.72
CA ASP D 270 -9.79 2.82 -48.18
C ASP D 270 -8.47 2.07 -48.30
N GLU D 271 -7.45 2.73 -48.83
CA GLU D 271 -6.15 2.06 -48.98
C GLU D 271 -5.51 1.75 -47.63
N PHE D 272 -5.70 2.62 -46.65
CA PHE D 272 -5.18 2.37 -45.29
C PHE D 272 -5.84 1.14 -44.68
N THR D 273 -7.15 1.05 -44.84
CA THR D 273 -7.91 -0.09 -44.35
C THR D 273 -7.43 -1.37 -45.02
N LEU D 274 -7.15 -1.27 -46.31
CA LEU D 274 -6.59 -2.37 -47.10
C LEU D 274 -5.23 -2.80 -46.57
N PHE D 275 -4.35 -1.83 -46.32
CA PHE D 275 -3.02 -2.11 -45.76
C PHE D 275 -3.12 -2.74 -44.37
N ALA D 276 -4.07 -2.25 -43.57
CA ALA D 276 -4.18 -2.68 -42.18
C ALA D 276 -4.66 -4.13 -42.04
N GLN D 277 -5.14 -4.72 -43.12
CA GLN D 277 -5.57 -6.11 -43.11
C GLN D 277 -4.45 -7.08 -43.52
N ARG D 278 -3.35 -6.53 -44.03
CA ARG D 278 -2.25 -7.37 -44.51
C ARG D 278 -1.56 -8.18 -43.41
N PRO D 279 -1.35 -7.59 -42.21
CA PRO D 279 -0.76 -8.48 -41.17
C PRO D 279 -1.64 -9.68 -40.86
N GLY D 280 -2.96 -9.50 -40.94
CA GLY D 280 -3.90 -10.58 -40.73
C GLY D 280 -3.85 -11.60 -41.85
N GLN D 281 -3.56 -11.14 -43.06
CA GLN D 281 -3.49 -12.04 -44.22
C GLN D 281 -2.39 -13.08 -44.00
N LEU D 282 -1.23 -12.61 -43.55
CA LEU D 282 -0.10 -13.48 -43.26
C LEU D 282 -0.34 -14.34 -42.01
N VAL D 283 -0.75 -13.71 -40.91
CA VAL D 283 -0.93 -14.40 -39.64
C VAL D 283 -2.10 -15.39 -39.68
N GLY D 284 -3.17 -15.03 -40.38
CA GLY D 284 -4.32 -15.91 -40.54
C GLY D 284 -3.90 -17.23 -41.16
N GLU D 285 -3.07 -17.16 -42.18
CA GLU D 285 -2.60 -18.36 -42.86
C GLU D 285 -1.67 -19.15 -41.94
N TYR D 286 -0.88 -18.44 -41.15
CA TYR D 286 0.01 -19.09 -40.17
C TYR D 286 -0.79 -19.81 -39.09
N LEU D 287 -1.85 -19.18 -38.61
CA LEU D 287 -2.69 -19.77 -37.58
C LEU D 287 -3.39 -21.03 -38.11
N LYS D 288 -3.78 -21.01 -39.38
CA LYS D 288 -4.41 -22.18 -40.00
C LYS D 288 -3.43 -23.35 -40.08
N ARG D 289 -2.15 -23.05 -40.29
CA ARG D 289 -1.15 -24.08 -40.49
C ARG D 289 -0.50 -24.54 -39.19
N ASN D 290 -0.67 -23.77 -38.11
CA ASN D 290 -0.06 -24.14 -36.83
C ASN D 290 -1.07 -24.33 -35.71
N ASN D 291 -2.21 -24.91 -36.05
CA ASN D 291 -3.20 -25.35 -35.07
C ASN D 291 -3.80 -24.24 -34.22
N GLY D 292 -3.92 -23.04 -34.80
CA GLY D 292 -4.69 -21.99 -34.18
C GLY D 292 -6.17 -22.29 -34.35
N ILE D 293 -6.52 -22.88 -35.47
CA ILE D 293 -7.89 -23.30 -35.72
C ILE D 293 -7.97 -24.78 -36.01
N ILE D 294 -9.18 -25.33 -35.88
CA ILE D 294 -9.51 -26.63 -36.41
C ILE D 294 -10.15 -26.45 -37.78
N VAL D 295 -9.55 -27.03 -38.81
CA VAL D 295 -10.08 -26.87 -40.16
C VAL D 295 -11.16 -27.92 -40.43
N ARG D 296 -12.41 -27.47 -40.43
CA ARG D 296 -13.55 -28.39 -40.56
C ARG D 296 -13.99 -28.51 -42.02
#